data_3CF4
#
_entry.id   3CF4
#
_cell.length_a   133.291
_cell.length_b   81.681
_cell.length_c   101.120
_cell.angle_alpha   90.00
_cell.angle_beta   90.00
_cell.angle_gamma   90.00
#
_symmetry.space_group_name_H-M   'P 21 21 2'
#
loop_
_entity.id
_entity.type
_entity.pdbx_description
1 polymer 'Acetyl-CoA decarboxylase/synthase alpha subunit'
2 polymer 'Acetyl-CoA decarboxylase/synthase epsilon subunit'
3 non-polymer 'IRON/SULFUR CLUSTER'
4 non-polymer 'FE (III) ION'
5 non-polymer 'FE(3)-NI(1)-S(4) CLUSTER'
6 non-polymer 'CARBON MONOXIDE'
7 non-polymer 'ACETIC ACID'
8 non-polymer GLYCEROL
9 non-polymer DI(HYDROXYETHYL)ETHER
10 water water
#
loop_
_entity_poly.entity_id
_entity_poly.type
_entity_poly.pdbx_seq_one_letter_code
_entity_poly.pdbx_strand_id
1 'polypeptide(L)'
;MSKLTTGSFSIEDLESVQITINNIVGAAKEAAEEKEKELVNAGPTLFPGLEGYRDDWNFKLLDRYEPVITPMCDQCCYCT
YGPCDLSGNKRGACGIDMKGHNGREFFLRVITGTACHAAHGRHLLDHLIEKYGEDLPLTLGQSNVLTPNITISTGLSPKT
LGEVKPAMEYVEEQLTQLLATVHAGQESAEIDYDSKALFSGSLDHVGMEISDIVQVAAYDFPKADPEAPLVEIGMGTIDK
SKPFLCVIGHNVAGVTYMMDYMEDNNLTDKMEIAGLCCTAIDLTRYKEADRRPPYAKVIGSMSKELKVIRSGMPDVIVVD
EQCVRGDIVPEAQKLKIPVIASNPKIMYGLPNRTDADVDETMEELKSGKIPGCVMLDYDKLGELCVRLTMEMAPIRDAAG
ITALPTDEELVNMVAKCADCGACLLACPEEIDIPEAMGFAKKGDFSYFEEIHDTCIGCRRCEQVCKKEIPILNVIEKIAQ
KQIAEEKGLMRAGRGQVSDAEIRAEGLNLVMGTTPGIIAIIGCPNYAGGTKDVYYIAEEFLKRNFIVVTTGCGAMDIGMF
KDADGKTLYERFPGGFQCGGLANIGSCVSNAHITGAAEKVAAIFAQRTLEGNLAEIGDYILNRVGACGLAWGAFSQKASS
IGTGCNIFGIPAVLGPHSSKYRRALIAKTYEEDKWKVYDARNGQEMPIPPAPEFLLTTAETWQEAIPMMAKACIRPSDNS
MGRAIKLTHWMELHKKYLGGKEPEDWWKFVRTEADLPLATREALLKELEKEHGWEIDWKRKKIISGPKIKFDVSAQPTNL
KRLCKEA
;
A
2 'polypeptide(L)'
;MVDTTKNTKLFTSYGVNTSKAVSPEMAAKIISKAKRPLLMVGTLALDPELLDRVVKISKAANIPIAATGSSLAVLADKDV
DAKYINAHMLGFYLTDPKWPGLDGNGNYDMIITIGFKKFYINQVLSAAKNFSNLKTIAIERGYIQNATMSFGNLSKADHY
AALDELINAL
;
G
#
loop_
_chem_comp.id
_chem_comp.type
_chem_comp.name
_chem_comp.formula
ACY non-polymer 'ACETIC ACID' 'C2 H4 O2'
CMO non-polymer 'CARBON MONOXIDE' 'C O'
FE non-polymer 'FE (III) ION' 'Fe 3'
GOL non-polymer GLYCEROL 'C3 H8 O3'
PEG non-polymer DI(HYDROXYETHYL)ETHER 'C4 H10 O3'
SF4 non-polymer 'IRON/SULFUR CLUSTER' 'Fe4 S4'
WCC non-polymer 'FE(3)-NI(1)-S(4) CLUSTER' 'Fe3 Ni S4'
#
# COMPACT_ATOMS: atom_id res chain seq x y z
N ASN A 41 -35.14 -13.77 -4.90
CA ASN A 41 -34.16 -13.97 -3.80
C ASN A 41 -32.88 -13.14 -4.03
N ALA A 42 -32.31 -13.25 -5.23
CA ALA A 42 -31.08 -12.55 -5.58
C ALA A 42 -31.18 -11.03 -5.70
N GLY A 43 -30.04 -10.37 -5.56
CA GLY A 43 -29.99 -8.92 -5.68
C GLY A 43 -30.23 -8.54 -7.12
N PRO A 44 -30.21 -7.23 -7.44
CA PRO A 44 -30.43 -6.72 -8.79
C PRO A 44 -29.26 -6.79 -9.78
N THR A 45 -28.09 -7.23 -9.34
CA THR A 45 -26.93 -7.26 -10.24
C THR A 45 -26.18 -8.59 -10.43
N LEU A 46 -26.76 -9.48 -11.24
CA LEU A 46 -26.11 -10.77 -11.53
C LEU A 46 -25.30 -10.59 -12.82
N PHE A 47 -24.05 -11.03 -12.78
CA PHE A 47 -23.14 -10.91 -13.92
C PHE A 47 -23.28 -9.50 -14.51
N PRO A 48 -23.13 -8.47 -13.68
CA PRO A 48 -23.26 -7.09 -14.16
C PRO A 48 -22.25 -6.65 -15.22
N GLY A 49 -22.64 -5.61 -15.95
CA GLY A 49 -21.80 -5.03 -16.97
C GLY A 49 -21.18 -3.79 -16.35
N LEU A 50 -20.39 -3.07 -17.13
CA LEU A 50 -19.71 -1.84 -16.67
C LEU A 50 -20.61 -0.84 -15.96
N GLU A 51 -21.86 -0.73 -16.40
CA GLU A 51 -22.81 0.24 -15.83
C GLU A 51 -23.63 -0.28 -14.66
N GLY A 52 -23.50 -1.57 -14.38
CA GLY A 52 -24.27 -2.17 -13.31
C GLY A 52 -24.43 -1.36 -12.02
N TYR A 53 -23.31 -0.97 -11.40
CA TYR A 53 -23.30 -0.23 -10.14
C TYR A 53 -23.18 1.29 -10.25
N ARG A 54 -23.16 1.79 -11.47
CA ARG A 54 -22.99 3.22 -11.72
C ARG A 54 -23.91 4.20 -10.97
N ASP A 55 -25.21 4.13 -11.26
CA ASP A 55 -26.18 5.04 -10.68
C ASP A 55 -26.70 4.68 -9.30
N ASP A 56 -26.77 3.38 -9.03
CA ASP A 56 -27.26 2.91 -7.76
C ASP A 56 -26.29 3.05 -6.61
N TRP A 57 -25.01 2.90 -6.90
CA TRP A 57 -24.01 2.89 -5.85
C TRP A 57 -22.71 3.66 -6.07
N ASN A 58 -22.01 3.38 -7.16
CA ASN A 58 -20.75 4.07 -7.40
C ASN A 58 -20.87 5.59 -7.35
N PHE A 59 -21.84 6.15 -8.06
CA PHE A 59 -22.01 7.59 -8.06
C PHE A 59 -22.32 8.12 -6.66
N LYS A 60 -22.95 7.30 -5.82
CA LYS A 60 -23.24 7.74 -4.46
C LYS A 60 -21.93 7.78 -3.69
N LEU A 61 -21.12 6.73 -3.84
CA LEU A 61 -19.83 6.70 -3.18
C LEU A 61 -18.96 7.87 -3.63
N LEU A 62 -18.94 8.14 -4.94
CA LEU A 62 -18.15 9.22 -5.53
C LEU A 62 -18.64 10.63 -5.20
N ASP A 63 -19.89 10.77 -4.79
CA ASP A 63 -20.38 12.11 -4.43
C ASP A 63 -19.82 12.50 -3.07
N ARG A 64 -19.69 11.53 -2.17
CA ARG A 64 -19.17 11.79 -0.83
C ARG A 64 -17.65 11.78 -0.80
N TYR A 65 -17.07 10.70 -1.30
CA TYR A 65 -15.62 10.55 -1.36
C TYR A 65 -15.22 10.96 -2.77
N GLU A 66 -14.98 12.25 -2.91
CA GLU A 66 -14.65 12.87 -4.17
C GLU A 66 -13.30 12.52 -4.77
N PRO A 67 -13.27 12.34 -6.11
CA PRO A 67 -11.98 12.02 -6.72
C PRO A 67 -11.04 13.21 -6.65
N VAL A 68 -9.85 12.97 -6.12
CA VAL A 68 -8.83 14.00 -5.99
C VAL A 68 -7.79 13.63 -7.02
N ILE A 69 -7.68 14.44 -8.08
CA ILE A 69 -6.74 14.15 -9.16
C ILE A 69 -5.40 14.86 -9.02
N THR A 70 -4.32 14.07 -8.97
CA THR A 70 -2.95 14.60 -8.89
C THR A 70 -2.19 13.96 -10.06
N PRO A 71 -2.15 14.66 -11.21
CA PRO A 71 -1.44 14.10 -12.37
C PRO A 71 0.02 13.74 -12.10
N MET A 72 0.43 12.61 -12.65
CA MET A 72 1.79 12.11 -12.51
C MET A 72 2.63 12.72 -13.65
N CYS A 73 1.93 13.19 -14.68
CA CYS A 73 2.53 13.82 -15.85
C CYS A 73 1.49 14.75 -16.41
N ASP A 74 1.91 15.85 -17.04
CA ASP A 74 0.93 16.79 -17.57
C ASP A 74 0.49 16.50 -19.00
N GLN A 75 0.94 15.38 -19.55
CA GLN A 75 0.62 15.01 -20.92
C GLN A 75 -0.07 13.65 -21.07
N CYS A 76 -0.51 13.38 -22.28
CA CYS A 76 -1.12 12.10 -22.63
C CYS A 76 -0.43 11.70 -23.93
N CYS A 77 0.03 10.45 -23.99
CA CYS A 77 0.74 9.93 -25.15
C CYS A 77 0.12 8.62 -25.61
N TYR A 78 -1.21 8.55 -25.58
CA TYR A 78 -1.96 7.37 -25.97
C TYR A 78 -2.02 7.10 -27.48
N CYS A 79 -2.15 8.17 -28.27
CA CYS A 79 -2.30 7.98 -29.72
C CYS A 79 -1.49 8.94 -30.59
N THR A 80 -1.55 8.75 -31.91
CA THR A 80 -0.76 9.59 -32.83
C THR A 80 -1.19 11.04 -33.03
N TYR A 81 -2.36 11.42 -32.52
CA TYR A 81 -2.79 12.83 -32.62
C TYR A 81 -1.92 13.57 -31.63
N GLY A 82 -1.50 12.85 -30.58
CA GLY A 82 -0.68 13.44 -29.53
C GLY A 82 0.83 13.41 -29.74
N PRO A 83 1.63 13.55 -28.66
CA PRO A 83 1.17 13.76 -27.29
C PRO A 83 0.41 15.07 -27.12
N CYS A 84 -0.43 15.15 -26.11
CA CYS A 84 -1.19 16.36 -25.84
C CYS A 84 -0.85 16.97 -24.49
N ASP A 85 -0.62 18.27 -24.46
CA ASP A 85 -0.35 18.94 -23.22
C ASP A 85 -1.71 19.21 -22.57
N LEU A 86 -1.96 18.55 -21.44
CA LEU A 86 -3.22 18.71 -20.72
C LEU A 86 -3.13 19.66 -19.53
N SER A 87 -1.96 20.27 -19.33
CA SER A 87 -1.73 21.22 -18.23
C SER A 87 -2.89 22.19 -18.09
N GLY A 88 -3.31 22.48 -16.86
CA GLY A 88 -4.40 23.41 -16.61
C GLY A 88 -5.77 22.84 -16.94
N ASN A 89 -5.86 21.52 -16.99
CA ASN A 89 -7.10 20.85 -17.33
C ASN A 89 -7.54 21.19 -18.76
N LYS A 90 -6.56 21.31 -19.66
CA LYS A 90 -6.88 21.56 -21.07
C LYS A 90 -7.36 20.21 -21.61
N ARG A 91 -7.88 20.22 -22.82
CA ARG A 91 -8.37 19.00 -23.46
C ARG A 91 -7.41 18.54 -24.55
N GLY A 92 -7.30 17.23 -24.70
CA GLY A 92 -6.44 16.69 -25.74
C GLY A 92 -7.06 16.94 -27.10
N ALA A 93 -6.37 16.57 -28.16
CA ALA A 93 -6.87 16.76 -29.50
C ALA A 93 -8.19 16.01 -29.70
N CYS A 94 -8.36 14.90 -28.98
CA CYS A 94 -9.55 14.07 -29.09
C CYS A 94 -10.73 14.64 -28.29
N GLY A 95 -10.45 15.58 -27.40
CA GLY A 95 -11.49 16.17 -26.60
C GLY A 95 -11.51 15.86 -25.10
N ILE A 96 -10.78 14.84 -24.66
CA ILE A 96 -10.79 14.49 -23.24
C ILE A 96 -9.95 15.48 -22.42
N ASP A 97 -10.46 15.89 -21.25
CA ASP A 97 -9.72 16.82 -20.43
C ASP A 97 -8.77 16.11 -19.49
N MET A 98 -7.93 16.89 -18.82
CA MET A 98 -6.93 16.34 -17.90
C MET A 98 -7.50 15.43 -16.85
N LYS A 99 -8.59 15.85 -16.21
CA LYS A 99 -9.20 15.03 -15.19
C LYS A 99 -9.70 13.72 -15.79
N GLY A 100 -10.28 13.82 -16.99
CA GLY A 100 -10.78 12.63 -17.63
C GLY A 100 -9.65 11.64 -17.91
N HIS A 101 -8.54 12.15 -18.44
CA HIS A 101 -7.39 11.31 -18.77
C HIS A 101 -6.76 10.66 -17.54
N ASN A 102 -6.67 11.40 -16.45
CA ASN A 102 -6.08 10.85 -15.25
C ASN A 102 -7.01 9.82 -14.63
N GLY A 103 -8.30 9.99 -14.88
CA GLY A 103 -9.27 9.03 -14.40
C GLY A 103 -9.01 7.79 -15.24
N ARG A 104 -8.81 8.03 -16.52
CA ARG A 104 -8.53 6.96 -17.46
C ARG A 104 -7.24 6.24 -17.10
N GLU A 105 -6.22 6.99 -16.70
CA GLU A 105 -4.93 6.38 -16.36
C GLU A 105 -5.01 5.53 -15.11
N PHE A 106 -5.76 5.99 -14.12
CA PHE A 106 -5.92 5.24 -12.90
C PHE A 106 -6.71 3.99 -13.25
N PHE A 107 -7.74 4.17 -14.06
CA PHE A 107 -8.57 3.06 -14.50
C PHE A 107 -7.69 2.00 -15.19
N LEU A 108 -6.75 2.44 -16.04
CA LEU A 108 -5.87 1.50 -16.71
C LEU A 108 -5.02 0.69 -15.72
N ARG A 109 -4.49 1.35 -14.68
CA ARG A 109 -3.70 0.62 -13.69
C ARG A 109 -4.58 -0.43 -13.00
N VAL A 110 -5.81 -0.03 -12.67
CA VAL A 110 -6.73 -0.93 -11.98
C VAL A 110 -7.03 -2.18 -12.82
N ILE A 111 -7.38 -2.01 -14.09
CA ILE A 111 -7.69 -3.17 -14.91
C ILE A 111 -6.47 -4.00 -15.23
N THR A 112 -5.29 -3.40 -15.14
CA THR A 112 -4.07 -4.14 -15.39
C THR A 112 -3.83 -5.02 -14.17
N GLY A 113 -4.12 -4.47 -13.00
CA GLY A 113 -4.00 -5.24 -11.77
C GLY A 113 -5.06 -6.34 -11.77
N THR A 114 -6.27 -6.00 -12.22
CA THR A 114 -7.37 -6.96 -12.26
C THR A 114 -6.99 -8.13 -13.19
N ALA A 115 -6.44 -7.82 -14.36
CA ALA A 115 -6.01 -8.85 -15.31
C ALA A 115 -4.91 -9.76 -14.75
N CYS A 116 -4.00 -9.21 -13.96
CA CYS A 116 -2.93 -10.00 -13.37
C CYS A 116 -3.45 -11.12 -12.49
N HIS A 117 -4.33 -10.78 -11.56
CA HIS A 117 -4.87 -11.79 -10.67
C HIS A 117 -5.74 -12.76 -11.47
N ALA A 118 -6.47 -12.25 -12.46
CA ALA A 118 -7.32 -13.10 -13.28
C ALA A 118 -6.50 -14.08 -14.12
N ALA A 119 -5.50 -13.59 -14.85
CA ALA A 119 -4.67 -14.47 -15.68
C ALA A 119 -4.07 -15.56 -14.80
N HIS A 120 -3.70 -15.16 -13.59
CA HIS A 120 -3.12 -16.08 -12.63
C HIS A 120 -4.15 -17.17 -12.35
N GLY A 121 -5.36 -16.74 -12.04
CA GLY A 121 -6.46 -17.66 -11.74
C GLY A 121 -6.79 -18.61 -12.87
N ARG A 122 -6.85 -18.09 -14.09
CA ARG A 122 -7.15 -18.93 -15.24
C ARG A 122 -6.10 -20.03 -15.43
N HIS A 123 -4.81 -19.68 -15.28
CA HIS A 123 -3.76 -20.69 -15.44
C HIS A 123 -3.83 -21.79 -14.37
N LEU A 124 -4.13 -21.42 -13.12
CA LEU A 124 -4.27 -22.42 -12.05
C LEU A 124 -5.50 -23.28 -12.30
N LEU A 125 -6.60 -22.64 -12.70
CA LEU A 125 -7.83 -23.39 -12.94
C LEU A 125 -7.68 -24.41 -14.06
N ASP A 126 -7.12 -24.02 -15.20
CA ASP A 126 -6.95 -24.96 -16.31
C ASP A 126 -6.01 -26.10 -15.95
N HIS A 127 -4.86 -25.74 -15.37
CA HIS A 127 -3.89 -26.75 -15.00
C HIS A 127 -4.45 -27.72 -13.95
N LEU A 128 -5.06 -27.17 -12.91
CA LEU A 128 -5.63 -27.98 -11.84
C LEU A 128 -6.78 -28.88 -12.29
N ILE A 129 -7.59 -28.38 -13.22
CA ILE A 129 -8.70 -29.19 -13.73
C ILE A 129 -8.12 -30.34 -14.56
N GLU A 130 -7.09 -30.02 -15.34
CA GLU A 130 -6.43 -30.99 -16.19
C GLU A 130 -5.72 -32.08 -15.38
N LYS A 131 -5.19 -31.71 -14.22
CA LYS A 131 -4.48 -32.64 -13.36
C LYS A 131 -5.34 -33.41 -12.35
N TYR A 132 -6.34 -32.74 -11.78
CA TYR A 132 -7.15 -33.40 -10.76
C TYR A 132 -8.62 -33.57 -11.08
N GLY A 133 -9.02 -33.12 -12.26
CA GLY A 133 -10.41 -33.26 -12.65
C GLY A 133 -11.31 -32.11 -12.26
N GLU A 134 -12.36 -31.94 -13.06
CA GLU A 134 -13.34 -30.90 -12.86
C GLU A 134 -14.15 -31.11 -11.58
N ASP A 135 -14.33 -32.36 -11.20
CA ASP A 135 -15.13 -32.67 -10.02
C ASP A 135 -14.41 -32.53 -8.67
N LEU A 136 -13.15 -32.09 -8.66
CA LEU A 136 -12.42 -31.92 -7.40
C LEU A 136 -13.15 -30.90 -6.52
N PRO A 137 -13.52 -31.30 -5.29
CA PRO A 137 -14.23 -30.37 -4.40
C PRO A 137 -13.40 -29.23 -3.83
N LEU A 138 -14.02 -28.08 -3.62
CA LEU A 138 -13.31 -26.94 -3.05
C LEU A 138 -13.30 -27.12 -1.53
N THR A 139 -12.20 -27.65 -1.01
CA THR A 139 -12.05 -27.89 0.43
C THR A 139 -11.24 -26.72 1.00
N LEU A 140 -11.94 -25.74 1.56
CA LEU A 140 -11.28 -24.54 2.08
C LEU A 140 -11.40 -24.36 3.59
N GLY A 141 -11.89 -25.38 4.28
CA GLY A 141 -12.03 -25.28 5.71
C GLY A 141 -13.47 -25.27 6.19
N GLN A 142 -13.64 -24.92 7.46
CA GLN A 142 -14.96 -24.88 8.08
C GLN A 142 -15.81 -23.67 7.72
N SER A 143 -16.42 -23.68 6.53
CA SER A 143 -17.28 -22.58 6.07
C SER A 143 -18.38 -23.06 5.11
N ASN A 144 -19.56 -22.44 5.18
CA ASN A 144 -20.66 -22.80 4.29
C ASN A 144 -20.84 -21.77 3.17
N VAL A 145 -20.31 -20.56 3.42
CA VAL A 145 -20.34 -19.47 2.45
C VAL A 145 -18.92 -19.49 1.91
N LEU A 146 -18.67 -20.41 0.97
CA LEU A 146 -17.34 -20.64 0.39
C LEU A 146 -16.68 -19.61 -0.52
N THR A 147 -17.47 -18.91 -1.31
CA THR A 147 -16.90 -17.96 -2.27
C THR A 147 -17.72 -16.68 -2.33
N PRO A 148 -17.71 -15.88 -1.24
CA PRO A 148 -18.47 -14.63 -1.20
C PRO A 148 -18.34 -13.68 -2.40
N ASN A 149 -17.13 -13.34 -2.81
CA ASN A 149 -16.95 -12.44 -3.94
C ASN A 149 -17.57 -13.02 -5.21
N ILE A 150 -17.31 -14.30 -5.46
CA ILE A 150 -17.87 -14.95 -6.65
C ILE A 150 -19.39 -14.94 -6.59
N THR A 151 -19.92 -15.32 -5.43
CA THR A 151 -21.36 -15.37 -5.28
C THR A 151 -22.00 -14.00 -5.45
N ILE A 152 -21.37 -12.97 -4.89
CA ILE A 152 -21.91 -11.63 -5.02
C ILE A 152 -22.03 -11.19 -6.48
N SER A 153 -20.99 -11.38 -7.26
CA SER A 153 -21.01 -10.98 -8.67
C SER A 153 -21.77 -11.89 -9.63
N THR A 154 -21.81 -13.19 -9.34
CA THR A 154 -22.43 -14.16 -10.25
C THR A 154 -23.64 -14.91 -9.74
N GLY A 155 -23.87 -14.88 -8.43
CA GLY A 155 -24.99 -15.59 -7.85
C GLY A 155 -24.67 -17.06 -7.73
N LEU A 156 -23.48 -17.45 -8.18
CA LEU A 156 -23.09 -18.86 -8.13
C LEU A 156 -22.37 -19.19 -6.86
N SER A 157 -22.57 -20.42 -6.38
CA SER A 157 -21.88 -20.89 -5.17
C SER A 157 -21.15 -22.17 -5.55
N PRO A 158 -20.08 -22.04 -6.33
CA PRO A 158 -19.31 -23.21 -6.77
C PRO A 158 -18.74 -24.05 -5.64
N LYS A 159 -18.82 -25.37 -5.80
CA LYS A 159 -18.32 -26.32 -4.81
C LYS A 159 -17.21 -27.20 -5.40
N THR A 160 -16.96 -27.08 -6.69
CA THR A 160 -15.90 -27.86 -7.33
C THR A 160 -15.11 -26.95 -8.27
N LEU A 161 -14.00 -27.49 -8.78
CA LEU A 161 -13.13 -26.75 -9.71
C LEU A 161 -13.89 -26.38 -10.97
N GLY A 162 -14.63 -27.35 -11.53
CA GLY A 162 -15.38 -27.09 -12.74
C GLY A 162 -16.46 -26.04 -12.59
N GLU A 163 -17.05 -25.99 -11.40
CA GLU A 163 -18.10 -25.04 -11.13
C GLU A 163 -17.60 -23.59 -11.08
N VAL A 164 -16.28 -23.42 -11.04
CA VAL A 164 -15.68 -22.08 -11.00
C VAL A 164 -15.47 -21.54 -12.42
N LYS A 165 -15.52 -22.42 -13.42
CA LYS A 165 -15.31 -21.99 -14.80
C LYS A 165 -16.20 -20.83 -15.23
N PRO A 166 -17.52 -20.92 -15.04
CA PRO A 166 -18.38 -19.80 -15.45
C PRO A 166 -18.01 -18.42 -14.87
N ALA A 167 -17.47 -18.41 -13.66
CA ALA A 167 -17.11 -17.15 -13.02
C ALA A 167 -15.86 -16.58 -13.68
N MET A 168 -14.91 -17.47 -13.97
CA MET A 168 -13.66 -17.12 -14.63
C MET A 168 -13.93 -16.54 -16.03
N GLU A 169 -14.86 -17.17 -16.75
CA GLU A 169 -15.21 -16.71 -18.09
C GLU A 169 -15.84 -15.33 -18.04
N TYR A 170 -16.67 -15.11 -17.03
CA TYR A 170 -17.34 -13.83 -16.83
C TYR A 170 -16.31 -12.72 -16.67
N VAL A 171 -15.34 -12.95 -15.77
CA VAL A 171 -14.27 -11.99 -15.51
C VAL A 171 -13.46 -11.69 -16.78
N GLU A 172 -13.07 -12.73 -17.52
CA GLU A 172 -12.31 -12.53 -18.75
C GLU A 172 -13.13 -11.75 -19.75
N GLU A 173 -14.43 -12.02 -19.80
CA GLU A 173 -15.30 -11.31 -20.74
C GLU A 173 -15.38 -9.84 -20.38
N GLN A 174 -15.49 -9.55 -19.09
CA GLN A 174 -15.58 -8.16 -18.65
C GLN A 174 -14.27 -7.43 -18.84
N LEU A 175 -13.14 -8.10 -18.62
CA LEU A 175 -11.85 -7.45 -18.79
C LEU A 175 -11.64 -6.98 -20.24
N THR A 176 -12.16 -7.72 -21.20
CA THR A 176 -12.01 -7.32 -22.58
C THR A 176 -12.82 -6.04 -22.82
N GLN A 177 -14.03 -5.98 -22.26
CA GLN A 177 -14.88 -4.78 -22.38
C GLN A 177 -14.20 -3.58 -21.70
N LEU A 178 -13.52 -3.85 -20.59
CA LEU A 178 -12.85 -2.79 -19.83
C LEU A 178 -11.59 -2.29 -20.54
N LEU A 179 -10.78 -3.20 -21.09
CA LEU A 179 -9.57 -2.76 -21.77
C LEU A 179 -9.92 -1.93 -22.99
N ALA A 180 -11.05 -2.27 -23.63
CA ALA A 180 -11.48 -1.54 -24.81
C ALA A 180 -11.84 -0.10 -24.46
N THR A 181 -12.20 0.16 -23.21
CA THR A 181 -12.58 1.52 -22.82
C THR A 181 -11.37 2.41 -22.59
N VAL A 182 -10.19 1.81 -22.61
CA VAL A 182 -8.95 2.57 -22.44
C VAL A 182 -8.57 3.20 -23.79
N HIS A 183 -9.13 2.66 -24.88
CA HIS A 183 -8.87 3.15 -26.25
C HIS A 183 -9.27 4.61 -26.40
N ALA A 184 -8.48 5.37 -27.16
CA ALA A 184 -8.79 6.79 -27.37
C ALA A 184 -10.20 6.91 -27.93
N GLY A 185 -10.90 7.97 -27.53
CA GLY A 185 -12.24 8.20 -28.04
C GLY A 185 -13.30 7.32 -27.42
N GLN A 186 -13.10 6.95 -26.16
CA GLN A 186 -14.10 6.13 -25.49
C GLN A 186 -14.66 7.03 -24.38
N GLU A 187 -14.57 6.61 -23.13
CA GLU A 187 -15.10 7.45 -22.05
C GLU A 187 -14.28 8.74 -21.91
N SER A 188 -14.90 9.85 -21.51
CA SER A 188 -14.13 11.08 -21.34
C SER A 188 -14.37 11.74 -19.99
N ALA A 189 -15.43 11.32 -19.31
CA ALA A 189 -15.78 11.87 -18.01
C ALA A 189 -15.04 11.16 -16.87
N GLU A 190 -14.26 11.93 -16.10
CA GLU A 190 -13.51 11.38 -14.98
C GLU A 190 -14.38 10.52 -14.06
N ILE A 191 -15.57 11.00 -13.73
CA ILE A 191 -16.45 10.27 -12.82
C ILE A 191 -16.87 8.91 -13.37
N ASP A 192 -17.04 8.81 -14.69
CA ASP A 192 -17.43 7.54 -15.27
C ASP A 192 -16.26 6.57 -15.37
N TYR A 193 -15.03 7.09 -15.49
CA TYR A 193 -13.89 6.19 -15.48
C TYR A 193 -13.74 5.64 -14.05
N ASP A 194 -14.08 6.47 -13.07
CA ASP A 194 -14.00 6.06 -11.67
C ASP A 194 -15.03 4.95 -11.38
N SER A 195 -16.23 5.08 -11.94
CA SER A 195 -17.25 4.06 -11.73
C SER A 195 -16.77 2.77 -12.40
N LYS A 196 -16.26 2.90 -13.63
CA LYS A 196 -15.74 1.75 -14.34
C LYS A 196 -14.59 1.11 -13.54
N ALA A 197 -13.78 1.95 -12.89
CA ALA A 197 -12.66 1.45 -12.07
C ALA A 197 -13.15 0.69 -10.82
N LEU A 198 -14.13 1.25 -10.13
CA LEU A 198 -14.69 0.61 -8.94
C LEU A 198 -15.25 -0.76 -9.34
N PHE A 199 -15.98 -0.80 -10.45
CA PHE A 199 -16.54 -2.05 -10.97
C PHE A 199 -15.40 -3.07 -11.18
N SER A 200 -14.32 -2.63 -11.83
CA SER A 200 -13.18 -3.50 -12.08
C SER A 200 -12.61 -3.99 -10.75
N GLY A 201 -12.60 -3.12 -9.74
CA GLY A 201 -12.11 -3.50 -8.43
C GLY A 201 -12.93 -4.66 -7.88
N SER A 202 -14.24 -4.67 -8.12
CA SER A 202 -15.05 -5.76 -7.61
C SER A 202 -14.64 -7.01 -8.39
N LEU A 203 -14.32 -6.83 -9.66
CA LEU A 203 -13.93 -7.96 -10.49
C LEU A 203 -12.59 -8.54 -10.03
N ASP A 204 -11.69 -7.67 -9.59
CA ASP A 204 -10.35 -8.08 -9.15
C ASP A 204 -10.44 -9.08 -8.00
N HIS A 205 -11.33 -8.80 -7.05
CA HIS A 205 -11.51 -9.67 -5.90
C HIS A 205 -12.18 -10.97 -6.28
N VAL A 206 -12.90 -10.96 -7.40
CA VAL A 206 -13.55 -12.18 -7.88
C VAL A 206 -12.40 -13.05 -8.41
N GLY A 207 -11.57 -12.44 -9.24
CA GLY A 207 -10.42 -13.14 -9.83
C GLY A 207 -9.42 -13.62 -8.78
N MET A 208 -9.17 -12.80 -7.77
CA MET A 208 -8.26 -13.20 -6.71
C MET A 208 -8.88 -14.38 -5.98
N GLU A 209 -10.18 -14.31 -5.67
CA GLU A 209 -10.84 -15.41 -4.95
C GLU A 209 -10.68 -16.70 -5.72
N ILE A 210 -11.00 -16.69 -7.01
CA ILE A 210 -10.87 -17.86 -7.87
C ILE A 210 -9.45 -18.41 -7.78
N SER A 211 -8.46 -17.52 -7.88
CA SER A 211 -7.07 -17.93 -7.83
C SER A 211 -6.72 -18.70 -6.55
N ASP A 212 -7.03 -18.12 -5.40
CA ASP A 212 -6.67 -18.78 -4.14
C ASP A 212 -7.49 -20.01 -3.75
N ILE A 213 -8.81 -19.98 -3.99
CA ILE A 213 -9.58 -21.16 -3.59
C ILE A 213 -9.22 -22.41 -4.36
N VAL A 214 -8.88 -22.28 -5.65
CA VAL A 214 -8.54 -23.48 -6.39
C VAL A 214 -7.19 -24.04 -5.97
N GLN A 215 -6.24 -23.18 -5.62
CA GLN A 215 -4.96 -23.69 -5.18
C GLN A 215 -5.04 -24.19 -3.73
N VAL A 216 -5.86 -23.54 -2.90
CA VAL A 216 -6.02 -24.00 -1.51
C VAL A 216 -6.56 -25.44 -1.54
N ALA A 217 -7.55 -25.69 -2.41
CA ALA A 217 -8.15 -27.01 -2.54
C ALA A 217 -7.21 -28.05 -3.12
N ALA A 218 -6.67 -27.78 -4.30
CA ALA A 218 -5.80 -28.73 -4.97
C ALA A 218 -4.42 -28.96 -4.32
N TYR A 219 -3.86 -27.93 -3.68
CA TYR A 219 -2.53 -28.07 -3.10
C TYR A 219 -2.50 -28.23 -1.58
N ASP A 220 -3.64 -28.57 -1.00
CA ASP A 220 -3.75 -28.77 0.45
C ASP A 220 -3.16 -27.62 1.27
N PHE A 221 -3.58 -26.39 1.00
CA PHE A 221 -3.11 -25.23 1.76
C PHE A 221 -3.84 -25.22 3.09
N PRO A 222 -3.34 -24.45 4.08
CA PRO A 222 -4.05 -24.42 5.37
C PRO A 222 -5.52 -24.06 5.13
N LYS A 223 -6.42 -24.64 5.92
CA LYS A 223 -7.85 -24.40 5.75
C LYS A 223 -8.40 -23.48 6.85
N ALA A 224 -8.36 -22.17 6.61
CA ALA A 224 -8.83 -21.17 7.59
C ALA A 224 -8.24 -21.58 8.92
N ASP A 225 -6.93 -21.77 8.94
CA ASP A 225 -6.21 -22.25 10.11
C ASP A 225 -5.59 -21.22 11.06
N PRO A 226 -6.12 -21.11 12.28
CA PRO A 226 -5.56 -20.13 13.22
C PRO A 226 -4.16 -20.57 13.68
N GLU A 227 -3.84 -21.84 13.48
CA GLU A 227 -2.54 -22.34 13.88
C GLU A 227 -1.68 -22.79 12.70
N ALA A 228 -1.71 -22.03 11.61
CA ALA A 228 -0.88 -22.36 10.45
C ALA A 228 0.54 -22.26 11.00
N PRO A 229 1.45 -23.13 10.55
CA PRO A 229 2.83 -23.11 11.03
C PRO A 229 3.66 -21.87 10.72
N LEU A 230 4.59 -21.58 11.62
CA LEU A 230 5.50 -20.45 11.47
C LEU A 230 6.59 -20.85 10.50
N VAL A 231 6.86 -20.00 9.51
CA VAL A 231 7.88 -20.27 8.52
C VAL A 231 9.02 -19.29 8.75
N GLU A 232 10.25 -19.75 8.58
CA GLU A 232 11.41 -18.89 8.76
C GLU A 232 11.54 -17.95 7.57
N ILE A 233 11.92 -16.70 7.84
CA ILE A 233 12.04 -15.72 6.77
C ILE A 233 13.17 -14.72 6.94
N GLY A 234 13.80 -14.35 5.83
CA GLY A 234 14.88 -13.40 5.88
C GLY A 234 16.13 -13.97 5.25
N MET A 235 16.92 -13.10 4.63
CA MET A 235 18.15 -13.52 3.97
C MET A 235 19.13 -14.15 4.95
N GLY A 236 18.96 -13.84 6.24
CA GLY A 236 19.83 -14.38 7.25
C GLY A 236 19.48 -15.81 7.66
N THR A 237 18.30 -16.28 7.27
CA THR A 237 17.88 -17.64 7.62
C THR A 237 18.48 -18.70 6.71
N ILE A 238 19.09 -18.27 5.61
CA ILE A 238 19.65 -19.22 4.66
C ILE A 238 20.96 -19.86 5.15
N ASP A 239 21.07 -21.15 4.93
CA ASP A 239 22.26 -21.89 5.31
C ASP A 239 23.15 -21.82 4.10
N LYS A 240 24.11 -20.89 4.11
CA LYS A 240 25.02 -20.71 2.99
C LYS A 240 25.78 -21.94 2.49
N SER A 241 25.95 -22.94 3.36
CA SER A 241 26.69 -24.15 2.96
C SER A 241 25.87 -25.09 2.07
N LYS A 242 24.56 -24.92 2.07
CA LYS A 242 23.68 -25.77 1.27
C LYS A 242 23.36 -25.19 -0.10
N PRO A 243 23.13 -26.05 -1.11
CA PRO A 243 22.79 -25.53 -2.44
C PRO A 243 21.49 -24.74 -2.26
N PHE A 244 21.30 -23.66 -3.04
CA PHE A 244 20.12 -22.79 -2.87
C PHE A 244 19.30 -22.52 -4.14
N LEU A 245 18.10 -23.09 -4.18
CA LEU A 245 17.19 -22.89 -5.32
C LEU A 245 16.31 -21.70 -4.97
N CYS A 246 16.48 -20.62 -5.69
CA CYS A 246 15.72 -19.39 -5.45
C CYS A 246 14.60 -19.19 -6.49
N VAL A 247 13.36 -19.07 -6.02
CA VAL A 247 12.22 -18.87 -6.92
C VAL A 247 11.60 -17.50 -6.70
N ILE A 248 11.33 -16.81 -7.81
CA ILE A 248 10.77 -15.47 -7.79
C ILE A 248 9.52 -15.41 -8.65
N GLY A 249 8.40 -15.02 -8.06
CA GLY A 249 7.20 -14.95 -8.86
C GLY A 249 5.91 -15.03 -8.09
N HIS A 250 4.88 -15.53 -8.79
CA HIS A 250 3.54 -15.64 -8.23
C HIS A 250 2.83 -16.98 -8.35
N ASN A 251 2.87 -17.58 -9.55
CA ASN A 251 2.22 -18.86 -9.75
C ASN A 251 3.07 -19.95 -9.11
N VAL A 252 2.49 -20.62 -8.12
CA VAL A 252 3.20 -21.68 -7.38
C VAL A 252 3.18 -23.03 -8.09
N ALA A 253 2.35 -23.16 -9.13
CA ALA A 253 2.20 -24.44 -9.81
C ALA A 253 3.50 -25.16 -10.14
N GLY A 254 4.42 -24.47 -10.79
CA GLY A 254 5.67 -25.10 -11.18
C GLY A 254 6.57 -25.44 -10.00
N VAL A 255 6.49 -24.65 -8.95
CA VAL A 255 7.29 -24.88 -7.76
C VAL A 255 6.84 -26.17 -7.07
N THR A 256 5.54 -26.49 -7.13
CA THR A 256 5.03 -27.70 -6.50
C THR A 256 5.73 -28.95 -7.07
N TYR A 257 6.08 -28.91 -8.35
CA TYR A 257 6.78 -30.03 -8.99
C TYR A 257 8.23 -30.05 -8.47
N MET A 258 8.77 -28.86 -8.22
CA MET A 258 10.13 -28.76 -7.70
C MET A 258 10.16 -29.44 -6.34
N MET A 259 9.20 -29.08 -5.48
CA MET A 259 9.12 -29.62 -4.13
C MET A 259 8.78 -31.10 -4.14
N ASP A 260 7.93 -31.53 -5.06
CA ASP A 260 7.58 -32.94 -5.15
C ASP A 260 8.83 -33.73 -5.53
N TYR A 261 9.65 -33.15 -6.40
CA TYR A 261 10.88 -33.82 -6.82
C TYR A 261 11.88 -33.90 -5.66
N MET A 262 11.91 -32.86 -4.82
CA MET A 262 12.82 -32.83 -3.68
C MET A 262 12.42 -33.86 -2.63
N GLU A 263 11.12 -33.96 -2.36
CA GLU A 263 10.62 -34.92 -1.39
C GLU A 263 10.91 -36.34 -1.88
N ASP A 264 10.59 -36.60 -3.15
CA ASP A 264 10.81 -37.91 -3.74
C ASP A 264 12.28 -38.32 -3.70
N ASN A 265 13.19 -37.36 -3.76
CA ASN A 265 14.63 -37.64 -3.77
C ASN A 265 15.37 -37.35 -2.47
N ASN A 266 14.62 -37.19 -1.38
CA ASN A 266 15.15 -36.90 -0.05
C ASN A 266 16.13 -35.72 0.01
N LEU A 267 15.73 -34.63 -0.61
CA LEU A 267 16.54 -33.42 -0.69
C LEU A 267 16.03 -32.26 0.15
N THR A 268 14.91 -32.44 0.83
CA THR A 268 14.35 -31.35 1.61
C THR A 268 15.28 -30.79 2.69
N ASP A 269 16.21 -31.61 3.18
CA ASP A 269 17.13 -31.14 4.21
C ASP A 269 18.55 -30.92 3.67
N LYS A 270 18.79 -31.32 2.43
CA LYS A 270 20.11 -31.15 1.81
C LYS A 270 20.27 -29.82 1.08
N MET A 271 19.17 -29.28 0.54
CA MET A 271 19.25 -28.02 -0.18
C MET A 271 18.22 -27.06 0.36
N GLU A 272 18.39 -25.78 0.04
CA GLU A 272 17.46 -24.75 0.46
C GLU A 272 16.59 -24.35 -0.71
N ILE A 273 15.29 -24.15 -0.47
CA ILE A 273 14.41 -23.65 -1.50
C ILE A 273 13.68 -22.50 -0.82
N ALA A 274 13.83 -21.30 -1.38
CA ALA A 274 13.21 -20.11 -0.80
C ALA A 274 12.73 -19.17 -1.89
N GLY A 275 11.66 -18.43 -1.60
CA GLY A 275 11.16 -17.54 -2.62
C GLY A 275 11.07 -16.07 -2.29
N LEU A 276 10.86 -15.27 -3.33
CA LEU A 276 10.68 -13.84 -3.21
C LEU A 276 9.29 -13.54 -3.77
N CYS A 277 8.60 -12.60 -3.14
CA CYS A 277 7.24 -12.21 -3.54
C CYS A 277 6.25 -13.33 -3.21
N CYS A 278 5.03 -13.20 -3.71
CA CYS A 278 3.98 -14.17 -3.40
C CYS A 278 4.26 -15.66 -3.51
N THR A 279 5.04 -16.06 -4.51
CA THR A 279 5.34 -17.47 -4.68
C THR A 279 5.99 -18.04 -3.43
N ALA A 280 6.64 -17.16 -2.66
CA ALA A 280 7.31 -17.54 -1.42
C ALA A 280 6.27 -17.90 -0.38
N ILE A 281 5.17 -17.15 -0.35
CA ILE A 281 4.11 -17.43 0.60
C ILE A 281 3.32 -18.69 0.19
N ASP A 282 2.99 -18.80 -1.09
CA ASP A 282 2.23 -19.95 -1.55
C ASP A 282 3.02 -21.26 -1.48
N LEU A 283 4.30 -21.20 -1.82
CA LEU A 283 5.10 -22.42 -1.79
C LEU A 283 5.23 -22.92 -0.34
N THR A 284 5.10 -22.01 0.63
CA THR A 284 5.19 -22.41 2.02
C THR A 284 3.81 -22.65 2.63
N ARG A 285 2.80 -22.75 1.76
CA ARG A 285 1.43 -23.06 2.18
C ARG A 285 1.17 -24.47 1.65
N TYR A 286 1.97 -24.89 0.68
CA TYR A 286 1.84 -26.19 0.01
C TYR A 286 1.80 -27.38 0.94
N LYS A 287 0.71 -28.15 0.85
CA LYS A 287 0.51 -29.32 1.69
C LYS A 287 0.74 -29.01 3.18
N GLU A 288 0.23 -27.86 3.63
CA GLU A 288 0.37 -27.48 5.02
C GLU A 288 -0.95 -27.56 5.76
N ALA A 289 -1.99 -28.04 5.08
CA ALA A 289 -3.30 -28.17 5.71
C ALA A 289 -3.22 -29.00 6.99
N ASP A 290 -2.28 -29.93 7.03
CA ASP A 290 -2.15 -30.78 8.21
C ASP A 290 -1.10 -30.26 9.21
N ARG A 291 -0.61 -29.04 8.96
CA ARG A 291 0.34 -28.38 9.84
C ARG A 291 1.74 -29.00 9.98
N ARG A 292 2.18 -29.75 8.97
CA ARG A 292 3.50 -30.35 9.02
C ARG A 292 4.58 -29.27 9.05
N PRO A 293 5.73 -29.56 9.69
CA PRO A 293 6.82 -28.58 9.77
C PRO A 293 7.28 -28.12 8.39
N PRO A 294 7.40 -26.81 8.19
CA PRO A 294 7.83 -26.26 6.91
C PRO A 294 9.30 -26.63 6.70
N TYR A 295 9.68 -26.99 5.47
CA TYR A 295 11.09 -27.31 5.23
C TYR A 295 11.69 -26.31 4.24
N ALA A 296 10.82 -25.43 3.74
CA ALA A 296 11.24 -24.41 2.80
C ALA A 296 11.32 -23.09 3.57
N LYS A 297 11.95 -22.08 2.98
CA LYS A 297 12.06 -20.79 3.64
C LYS A 297 11.56 -19.65 2.74
N VAL A 298 11.44 -18.46 3.32
CA VAL A 298 11.00 -17.29 2.56
C VAL A 298 12.10 -16.23 2.66
N ILE A 299 12.58 -15.75 1.53
CA ILE A 299 13.60 -14.73 1.51
C ILE A 299 12.99 -13.38 1.90
N GLY A 300 12.06 -12.91 1.07
CA GLY A 300 11.43 -11.64 1.36
C GLY A 300 10.64 -11.05 0.22
N SER A 301 10.33 -9.77 0.35
CA SER A 301 9.54 -9.02 -0.61
C SER A 301 10.30 -8.77 -1.89
N MET A 302 9.64 -8.06 -2.81
CA MET A 302 10.23 -7.74 -4.09
C MET A 302 11.52 -6.94 -3.89
N SER A 303 11.60 -6.19 -2.79
CA SER A 303 12.78 -5.37 -2.50
C SER A 303 14.04 -6.17 -2.27
N LYS A 304 13.89 -7.46 -2.00
CA LYS A 304 15.02 -8.34 -1.75
C LYS A 304 15.58 -9.01 -3.00
N GLU A 305 14.85 -8.93 -4.10
CA GLU A 305 15.28 -9.57 -5.34
C GLU A 305 16.68 -9.23 -5.82
N LEU A 306 17.03 -7.95 -5.93
CA LEU A 306 18.37 -7.64 -6.40
C LEU A 306 19.37 -7.83 -5.28
N LYS A 307 18.93 -7.58 -4.05
CA LYS A 307 19.79 -7.74 -2.88
C LYS A 307 20.25 -9.20 -2.70
N VAL A 308 19.32 -10.16 -2.84
CA VAL A 308 19.69 -11.56 -2.66
C VAL A 308 20.58 -12.04 -3.80
N ILE A 309 20.33 -11.53 -5.01
CA ILE A 309 21.14 -11.90 -6.15
C ILE A 309 22.57 -11.37 -5.97
N ARG A 310 22.69 -10.10 -5.59
CA ARG A 310 24.00 -9.48 -5.39
C ARG A 310 24.79 -10.18 -4.29
N SER A 311 24.09 -10.80 -3.36
CA SER A 311 24.74 -11.50 -2.26
C SER A 311 25.48 -12.74 -2.79
N GLY A 312 25.06 -13.21 -3.96
CA GLY A 312 25.68 -14.37 -4.57
C GLY A 312 25.21 -15.71 -4.00
N MET A 313 24.32 -15.69 -3.01
CA MET A 313 23.85 -16.93 -2.42
C MET A 313 23.11 -17.90 -3.35
N PRO A 314 22.29 -17.38 -4.28
CA PRO A 314 21.56 -18.30 -5.17
C PRO A 314 22.46 -19.06 -6.12
N ASP A 315 22.15 -20.34 -6.29
CA ASP A 315 22.92 -21.19 -7.19
C ASP A 315 22.16 -21.31 -8.50
N VAL A 316 20.83 -21.19 -8.40
CA VAL A 316 19.94 -21.23 -9.55
C VAL A 316 18.73 -20.33 -9.25
N ILE A 317 18.27 -19.60 -10.27
CA ILE A 317 17.10 -18.73 -10.12
C ILE A 317 16.03 -19.17 -11.11
N VAL A 318 14.81 -19.35 -10.61
CA VAL A 318 13.68 -19.72 -11.47
C VAL A 318 12.63 -18.62 -11.30
N VAL A 319 12.31 -17.93 -12.39
CA VAL A 319 11.31 -16.87 -12.35
C VAL A 319 9.99 -17.37 -12.94
N ASP A 320 8.90 -16.78 -12.49
CA ASP A 320 7.55 -17.13 -12.95
C ASP A 320 6.95 -15.86 -13.56
N GLU A 321 6.09 -15.15 -12.83
CA GLU A 321 5.52 -13.91 -13.37
C GLU A 321 5.08 -12.93 -12.31
N GLN A 322 5.03 -11.66 -12.71
CA GLN A 322 4.61 -10.54 -11.86
C GLN A 322 5.61 -10.15 -10.79
N CYS A 323 5.94 -8.86 -10.77
CA CYS A 323 6.85 -8.30 -9.78
C CYS A 323 8.23 -8.93 -9.84
N VAL A 324 8.59 -9.40 -11.03
CA VAL A 324 9.89 -10.03 -11.26
C VAL A 324 10.79 -8.97 -11.92
N ARG A 325 11.96 -8.71 -11.34
CA ARG A 325 12.86 -7.71 -11.93
C ARG A 325 13.22 -7.99 -13.38
N GLY A 326 13.36 -6.93 -14.16
CA GLY A 326 13.69 -7.06 -15.58
C GLY A 326 15.16 -7.17 -15.90
N ASP A 327 16.01 -7.06 -14.88
CA ASP A 327 17.46 -7.18 -15.06
C ASP A 327 18.02 -8.44 -14.37
N ILE A 328 17.15 -9.39 -14.05
CA ILE A 328 17.62 -10.60 -13.39
C ILE A 328 18.69 -11.37 -14.17
N VAL A 329 18.48 -11.60 -15.45
CA VAL A 329 19.45 -12.34 -16.25
C VAL A 329 20.86 -11.75 -16.21
N PRO A 330 21.04 -10.48 -16.61
CA PRO A 330 22.42 -9.95 -16.55
C PRO A 330 23.04 -9.92 -15.16
N GLU A 331 22.23 -9.71 -14.13
CA GLU A 331 22.75 -9.68 -12.76
C GLU A 331 23.13 -11.08 -12.27
N ALA A 332 22.28 -12.05 -12.58
CA ALA A 332 22.51 -13.44 -12.19
C ALA A 332 23.79 -13.95 -12.86
N GLN A 333 23.91 -13.63 -14.14
CA GLN A 333 25.03 -14.00 -14.97
C GLN A 333 26.40 -13.57 -14.42
N LYS A 334 26.46 -12.38 -13.83
CA LYS A 334 27.71 -11.89 -13.27
C LYS A 334 28.28 -12.86 -12.22
N LEU A 335 27.39 -13.50 -11.47
CA LEU A 335 27.79 -14.42 -10.42
C LEU A 335 27.55 -15.88 -10.79
N LYS A 336 27.48 -16.14 -12.09
CA LYS A 336 27.27 -17.48 -12.63
C LYS A 336 26.03 -18.19 -12.10
N ILE A 337 24.92 -17.48 -12.03
CA ILE A 337 23.67 -18.06 -11.55
C ILE A 337 22.76 -18.27 -12.75
N PRO A 338 22.57 -19.53 -13.17
CA PRO A 338 21.70 -19.83 -14.32
C PRO A 338 20.28 -19.36 -14.04
N VAL A 339 19.60 -18.88 -15.07
CA VAL A 339 18.24 -18.39 -14.91
C VAL A 339 17.28 -19.22 -15.75
N ILE A 340 16.19 -19.66 -15.15
CA ILE A 340 15.20 -20.44 -15.87
C ILE A 340 13.86 -19.69 -15.84
N ALA A 341 13.32 -19.40 -17.02
CA ALA A 341 12.05 -18.71 -17.16
C ALA A 341 11.01 -19.82 -17.32
N SER A 342 10.08 -19.93 -16.38
CA SER A 342 9.10 -20.99 -16.44
C SER A 342 7.69 -20.58 -16.83
N ASN A 343 7.50 -19.31 -17.14
CA ASN A 343 6.18 -18.79 -17.50
C ASN A 343 6.32 -17.99 -18.78
N PRO A 344 5.42 -18.19 -19.75
CA PRO A 344 5.48 -17.46 -21.01
C PRO A 344 5.39 -15.93 -20.89
N LYS A 345 4.85 -15.43 -19.78
CA LYS A 345 4.74 -13.97 -19.61
C LYS A 345 6.10 -13.30 -19.45
N ILE A 346 7.12 -14.07 -19.08
CA ILE A 346 8.45 -13.51 -18.93
C ILE A 346 9.46 -14.49 -19.51
N MET A 347 9.94 -14.21 -20.73
CA MET A 347 10.90 -15.10 -21.35
C MET A 347 12.30 -14.51 -21.56
N TYR A 348 12.41 -13.21 -21.28
CA TYR A 348 13.68 -12.51 -21.36
C TYR A 348 14.48 -12.67 -22.65
N GLY A 349 13.82 -13.07 -23.73
CA GLY A 349 14.55 -13.26 -24.96
C GLY A 349 15.52 -14.43 -24.88
N LEU A 350 15.31 -15.31 -23.90
CA LEU A 350 16.16 -16.47 -23.70
C LEU A 350 15.83 -17.61 -24.65
N PRO A 351 16.80 -18.50 -24.91
CA PRO A 351 16.53 -19.63 -25.82
C PRO A 351 15.51 -20.58 -25.15
N ASN A 352 14.62 -21.14 -25.95
CA ASN A 352 13.59 -22.04 -25.44
C ASN A 352 14.11 -23.48 -25.46
N ARG A 353 13.95 -24.17 -24.35
CA ARG A 353 14.40 -25.56 -24.23
C ARG A 353 13.28 -26.44 -23.68
N THR A 354 12.04 -25.96 -23.81
CA THR A 354 10.87 -26.70 -23.31
C THR A 354 10.81 -28.12 -23.87
N ASP A 355 11.18 -28.28 -25.15
CA ASP A 355 11.12 -29.61 -25.75
C ASP A 355 12.47 -30.32 -25.85
N ALA A 356 13.47 -29.78 -25.18
CA ALA A 356 14.80 -30.39 -25.21
C ALA A 356 14.95 -31.38 -24.05
N ASP A 357 15.94 -32.26 -24.14
CA ASP A 357 16.20 -33.24 -23.09
C ASP A 357 16.84 -32.54 -21.89
N VAL A 358 16.41 -32.92 -20.68
CA VAL A 358 16.90 -32.30 -19.45
C VAL A 358 18.41 -32.33 -19.26
N ASP A 359 19.01 -33.50 -19.42
CA ASP A 359 20.45 -33.68 -19.27
C ASP A 359 21.26 -32.67 -20.07
N GLU A 360 20.95 -32.57 -21.36
CA GLU A 360 21.66 -31.65 -22.24
C GLU A 360 21.43 -30.19 -21.88
N THR A 361 20.20 -29.82 -21.55
CA THR A 361 19.92 -28.44 -21.17
C THR A 361 20.71 -28.12 -19.91
N MET A 362 20.81 -29.07 -18.99
CA MET A 362 21.57 -28.85 -17.76
C MET A 362 23.05 -28.58 -18.07
N GLU A 363 23.58 -29.28 -19.06
CA GLU A 363 24.97 -29.11 -19.47
C GLU A 363 25.20 -27.72 -20.07
N GLU A 364 24.22 -27.24 -20.81
CA GLU A 364 24.31 -25.92 -21.42
C GLU A 364 24.32 -24.85 -20.34
N LEU A 365 23.54 -25.07 -19.29
CA LEU A 365 23.45 -24.11 -18.21
C LEU A 365 24.65 -24.14 -17.25
N LYS A 366 25.08 -25.33 -16.85
CA LYS A 366 26.20 -25.43 -15.91
C LYS A 366 27.52 -24.98 -16.55
N SER A 367 27.66 -25.19 -17.85
CA SER A 367 28.86 -24.81 -18.57
C SER A 367 28.89 -23.29 -18.81
N GLY A 368 27.75 -22.65 -18.60
CA GLY A 368 27.66 -21.22 -18.79
C GLY A 368 27.51 -20.82 -20.25
N LYS A 369 27.30 -21.80 -21.12
CA LYS A 369 27.15 -21.52 -22.54
C LYS A 369 26.00 -20.54 -22.78
N ILE A 370 24.89 -20.77 -22.09
CA ILE A 370 23.74 -19.87 -22.18
C ILE A 370 23.49 -19.43 -20.75
N PRO A 371 23.12 -18.15 -20.56
CA PRO A 371 22.85 -17.58 -19.24
C PRO A 371 21.57 -18.11 -18.59
N GLY A 372 20.75 -18.75 -19.41
CA GLY A 372 19.50 -19.31 -18.91
C GLY A 372 18.66 -19.80 -20.07
N CYS A 373 17.45 -20.26 -19.77
CA CYS A 373 16.56 -20.77 -20.82
C CYS A 373 15.11 -20.72 -20.37
N VAL A 374 14.23 -20.96 -21.34
CA VAL A 374 12.82 -21.00 -21.09
C VAL A 374 12.50 -22.49 -20.94
N MET A 375 11.72 -22.83 -19.91
CA MET A 375 11.30 -24.20 -19.65
C MET A 375 9.83 -24.15 -19.25
N LEU A 376 8.93 -24.36 -20.21
CA LEU A 376 7.49 -24.28 -19.93
C LEU A 376 6.78 -25.58 -19.57
N ASP A 377 7.52 -26.69 -19.56
CA ASP A 377 6.96 -28.00 -19.26
C ASP A 377 7.16 -28.28 -17.77
N TYR A 378 6.07 -28.38 -17.02
CA TYR A 378 6.17 -28.60 -15.58
C TYR A 378 6.82 -29.91 -15.17
N ASP A 379 6.59 -30.97 -15.94
CA ASP A 379 7.18 -32.26 -15.62
C ASP A 379 8.70 -32.20 -15.73
N LYS A 380 9.19 -31.39 -16.67
CA LYS A 380 10.64 -31.22 -16.84
C LYS A 380 11.18 -30.17 -15.88
N LEU A 381 10.35 -29.17 -15.56
CA LEU A 381 10.78 -28.09 -14.67
C LEU A 381 11.22 -28.55 -13.29
N GLY A 382 10.39 -29.39 -12.67
CA GLY A 382 10.72 -29.88 -11.34
C GLY A 382 12.13 -30.47 -11.27
N GLU A 383 12.37 -31.48 -12.10
CA GLU A 383 13.66 -32.14 -12.13
C GLU A 383 14.81 -31.21 -12.51
N LEU A 384 14.59 -30.42 -13.57
CA LEU A 384 15.62 -29.52 -14.06
C LEU A 384 16.15 -28.54 -13.03
N CYS A 385 15.25 -27.84 -12.34
CA CYS A 385 15.67 -26.84 -11.35
C CYS A 385 16.37 -27.44 -10.14
N VAL A 386 15.77 -28.47 -9.55
CA VAL A 386 16.35 -29.09 -8.38
C VAL A 386 17.72 -29.71 -8.67
N ARG A 387 17.83 -30.47 -9.76
CA ARG A 387 19.09 -31.09 -10.10
C ARG A 387 20.16 -30.09 -10.47
N LEU A 388 19.79 -29.08 -11.26
CA LEU A 388 20.76 -28.06 -11.65
C LEU A 388 21.27 -27.38 -10.39
N THR A 389 20.39 -27.17 -9.41
CA THR A 389 20.76 -26.53 -8.15
C THR A 389 21.81 -27.34 -7.39
N MET A 390 21.55 -28.63 -7.21
CA MET A 390 22.47 -29.52 -6.51
C MET A 390 23.83 -29.52 -7.21
N GLU A 391 23.78 -29.53 -8.54
CA GLU A 391 25.00 -29.55 -9.33
C GLU A 391 25.70 -28.20 -9.46
N MET A 392 24.95 -27.11 -9.38
CA MET A 392 25.55 -25.79 -9.50
C MET A 392 26.31 -25.38 -8.24
N ALA A 393 25.80 -25.80 -7.08
CA ALA A 393 26.44 -25.45 -5.81
C ALA A 393 27.96 -25.67 -5.82
N PRO A 394 28.41 -26.90 -6.14
CA PRO A 394 29.86 -27.16 -6.15
C PRO A 394 30.59 -26.36 -7.23
N ILE A 395 29.98 -26.25 -8.39
CA ILE A 395 30.59 -25.52 -9.50
C ILE A 395 30.85 -24.05 -9.15
N ARG A 396 29.87 -23.41 -8.54
CA ARG A 396 30.02 -22.01 -8.17
C ARG A 396 30.97 -21.81 -7.00
N ASP A 397 31.09 -22.82 -6.15
CA ASP A 397 31.98 -22.72 -5.01
C ASP A 397 33.42 -22.83 -5.52
N ALA A 398 33.62 -23.69 -6.51
CA ALA A 398 34.93 -23.90 -7.09
C ALA A 398 35.34 -22.70 -7.96
N ALA A 399 34.35 -21.95 -8.43
CA ALA A 399 34.64 -20.79 -9.25
C ALA A 399 35.44 -19.74 -8.51
N GLY A 400 35.35 -19.73 -7.18
CA GLY A 400 36.10 -18.74 -6.41
C GLY A 400 35.51 -17.35 -6.52
N ILE A 401 34.19 -17.27 -6.50
CA ILE A 401 33.46 -16.01 -6.63
C ILE A 401 33.41 -15.19 -5.36
N THR A 402 33.65 -13.89 -5.47
CA THR A 402 33.54 -13.01 -4.32
C THR A 402 32.44 -12.02 -4.68
N ALA A 403 31.20 -12.41 -4.38
CA ALA A 403 30.03 -11.61 -4.69
C ALA A 403 30.19 -10.11 -4.40
N LEU A 404 30.44 -9.76 -3.15
CA LEU A 404 30.59 -8.35 -2.78
C LEU A 404 32.05 -7.89 -2.75
N PRO A 405 32.28 -6.57 -2.85
CA PRO A 405 33.66 -6.09 -2.81
C PRO A 405 34.35 -6.41 -1.48
N THR A 406 35.65 -6.62 -1.53
CA THR A 406 36.41 -6.90 -0.32
C THR A 406 36.48 -5.62 0.50
N ASP A 407 37.05 -5.74 1.71
CA ASP A 407 37.18 -4.57 2.57
C ASP A 407 37.94 -3.48 1.84
N GLU A 408 39.05 -3.86 1.21
CA GLU A 408 39.87 -2.90 0.50
C GLU A 408 39.11 -2.29 -0.66
N GLU A 409 38.44 -3.13 -1.44
CA GLU A 409 37.68 -2.64 -2.59
C GLU A 409 36.63 -1.63 -2.14
N LEU A 410 35.97 -1.91 -1.02
CA LEU A 410 34.95 -1.01 -0.50
C LEU A 410 35.53 0.38 -0.19
N VAL A 411 36.64 0.40 0.56
CA VAL A 411 37.29 1.64 0.93
C VAL A 411 37.72 2.39 -0.31
N ASN A 412 38.24 1.68 -1.29
CA ASN A 412 38.67 2.34 -2.51
C ASN A 412 37.51 2.96 -3.28
N MET A 413 36.48 2.18 -3.60
CA MET A 413 35.36 2.75 -4.35
C MET A 413 34.69 3.92 -3.62
N VAL A 414 34.64 3.85 -2.29
CA VAL A 414 34.05 4.94 -1.51
C VAL A 414 34.87 6.21 -1.65
N ALA A 415 36.18 6.06 -1.65
CA ALA A 415 37.10 7.20 -1.77
C ALA A 415 37.02 7.82 -3.15
N LYS A 416 36.47 7.08 -4.10
CA LYS A 416 36.31 7.55 -5.47
C LYS A 416 35.14 8.52 -5.64
N CYS A 417 34.17 8.47 -4.72
CA CYS A 417 33.00 9.34 -4.82
C CYS A 417 33.36 10.82 -4.98
N ALA A 418 32.68 11.47 -5.91
CA ALA A 418 32.94 12.88 -6.22
C ALA A 418 31.92 13.86 -5.64
N ASP A 419 30.94 13.35 -4.91
CA ASP A 419 29.91 14.19 -4.33
C ASP A 419 29.30 15.05 -5.43
N CYS A 420 28.92 14.40 -6.52
CA CYS A 420 28.31 15.09 -7.65
C CYS A 420 26.79 15.20 -7.49
N GLY A 421 26.24 14.40 -6.57
CA GLY A 421 24.81 14.44 -6.30
C GLY A 421 23.88 13.70 -7.25
N ALA A 422 24.42 13.06 -8.27
CA ALA A 422 23.61 12.35 -9.26
C ALA A 422 22.76 11.21 -8.72
N CYS A 423 23.34 10.43 -7.81
CA CYS A 423 22.66 9.28 -7.24
C CYS A 423 21.47 9.69 -6.40
N LEU A 424 21.63 10.74 -5.60
CA LEU A 424 20.54 11.23 -4.78
C LEU A 424 19.39 11.69 -5.66
N LEU A 425 19.71 12.38 -6.77
CA LEU A 425 18.65 12.84 -7.67
C LEU A 425 17.90 11.68 -8.31
N ALA A 426 18.62 10.58 -8.56
CA ALA A 426 18.01 9.44 -9.23
C ALA A 426 17.39 8.39 -8.31
N CYS A 427 17.61 8.53 -7.01
CA CYS A 427 17.08 7.57 -6.05
C CYS A 427 15.57 7.72 -5.85
N PRO A 428 14.80 6.65 -6.11
CA PRO A 428 13.35 6.78 -5.92
C PRO A 428 12.97 7.19 -4.49
N GLU A 429 13.81 6.80 -3.52
CA GLU A 429 13.56 7.14 -2.12
C GLU A 429 14.28 8.44 -1.71
N GLU A 430 14.96 9.08 -2.65
CA GLU A 430 15.69 10.32 -2.37
C GLU A 430 16.63 10.18 -1.16
N ILE A 431 17.36 9.06 -1.13
CA ILE A 431 18.32 8.75 -0.07
C ILE A 431 19.58 9.58 -0.30
N ASP A 432 20.08 10.23 0.75
CA ASP A 432 21.28 11.05 0.58
C ASP A 432 22.56 10.21 0.55
N ILE A 433 22.80 9.56 -0.59
CA ILE A 433 23.98 8.73 -0.81
C ILE A 433 25.28 9.53 -0.74
N PRO A 434 25.30 10.74 -1.33
CA PRO A 434 26.51 11.55 -1.26
C PRO A 434 26.96 11.79 0.19
N GLU A 435 25.99 11.99 1.09
CA GLU A 435 26.30 12.23 2.50
C GLU A 435 26.87 10.95 3.13
N ALA A 436 26.26 9.81 2.79
CA ALA A 436 26.71 8.52 3.31
C ALA A 436 28.14 8.26 2.84
N MET A 437 28.42 8.53 1.57
CA MET A 437 29.75 8.36 1.02
C MET A 437 30.71 9.27 1.80
N GLY A 438 30.31 10.51 2.00
CA GLY A 438 31.14 11.45 2.73
C GLY A 438 31.54 10.90 4.09
N PHE A 439 30.56 10.41 4.85
CA PHE A 439 30.85 9.86 6.16
C PHE A 439 31.65 8.57 6.11
N ALA A 440 31.35 7.73 5.12
CA ALA A 440 32.08 6.48 4.97
C ALA A 440 33.54 6.73 4.63
N LYS A 441 33.83 7.83 3.94
CA LYS A 441 35.20 8.16 3.59
C LYS A 441 36.02 8.30 4.86
N LYS A 442 35.37 8.70 5.95
CA LYS A 442 36.07 8.86 7.22
C LYS A 442 35.63 7.83 8.28
N GLY A 443 35.44 6.59 7.84
CA GLY A 443 35.09 5.50 8.75
C GLY A 443 33.78 5.49 9.51
N ASP A 444 32.85 6.39 9.20
CA ASP A 444 31.55 6.39 9.89
C ASP A 444 30.52 5.76 8.95
N PHE A 445 30.30 4.46 9.07
CA PHE A 445 29.36 3.74 8.21
C PHE A 445 27.95 3.64 8.76
N SER A 446 27.63 4.46 9.76
CA SER A 446 26.30 4.43 10.35
C SER A 446 25.23 4.86 9.35
N TYR A 447 25.58 5.80 8.50
CA TYR A 447 24.65 6.29 7.49
C TYR A 447 24.31 5.20 6.48
N PHE A 448 25.33 4.50 5.99
CA PHE A 448 25.10 3.42 5.03
C PHE A 448 24.36 2.25 5.67
N GLU A 449 24.67 1.97 6.93
CA GLU A 449 24.01 0.89 7.65
C GLU A 449 22.52 1.18 7.82
N GLU A 450 22.16 2.44 8.04
CA GLU A 450 20.76 2.74 8.20
C GLU A 450 20.04 2.77 6.83
N ILE A 451 20.78 3.12 5.78
CA ILE A 451 20.25 3.18 4.40
C ILE A 451 19.75 1.82 3.90
N HIS A 452 20.50 0.77 4.25
CA HIS A 452 20.17 -0.59 3.84
C HIS A 452 18.70 -0.97 3.89
N ASP A 453 18.04 -0.71 5.01
CA ASP A 453 16.64 -1.06 5.17
C ASP A 453 15.65 -0.16 4.43
N THR A 454 16.08 1.06 4.13
CA THR A 454 15.22 1.99 3.42
C THR A 454 15.38 1.82 1.91
N CYS A 455 16.59 1.45 1.48
CA CYS A 455 16.92 1.21 0.08
C CYS A 455 16.06 0.06 -0.44
N ILE A 456 15.47 0.21 -1.64
CA ILE A 456 14.65 -0.85 -2.21
C ILE A 456 15.40 -1.74 -3.23
N GLY A 457 16.72 -1.60 -3.26
CA GLY A 457 17.55 -2.38 -4.16
C GLY A 457 17.16 -2.27 -5.62
N CYS A 458 17.05 -1.05 -6.13
CA CYS A 458 16.63 -0.86 -7.51
C CYS A 458 17.76 -0.51 -8.49
N ARG A 459 18.91 -0.13 -7.94
CA ARG A 459 20.12 0.30 -8.67
C ARG A 459 20.02 1.44 -9.69
N ARG A 460 19.03 2.32 -9.56
CA ARG A 460 18.94 3.46 -10.48
C ARG A 460 20.18 4.33 -10.23
N CYS A 461 20.57 4.46 -8.96
CA CYS A 461 21.75 5.25 -8.57
C CYS A 461 23.02 4.81 -9.28
N GLU A 462 23.23 3.51 -9.40
CA GLU A 462 24.42 2.98 -10.06
C GLU A 462 24.54 3.40 -11.51
N GLN A 463 23.41 3.48 -12.20
CA GLN A 463 23.42 3.86 -13.60
C GLN A 463 23.79 5.32 -13.83
N VAL A 464 23.69 6.16 -12.81
CA VAL A 464 24.03 7.56 -13.03
C VAL A 464 25.38 7.98 -12.44
N CYS A 465 26.07 7.04 -11.76
CA CYS A 465 27.37 7.34 -11.16
C CYS A 465 28.50 7.38 -12.19
N LYS A 466 29.03 8.58 -12.42
CA LYS A 466 30.10 8.76 -13.40
C LYS A 466 31.40 8.05 -13.00
N LYS A 467 31.57 7.82 -11.70
CA LYS A 467 32.77 7.12 -11.22
C LYS A 467 32.50 5.61 -11.23
N GLU A 468 31.36 5.23 -11.80
CA GLU A 468 30.95 3.83 -11.91
C GLU A 468 31.07 3.01 -10.63
N ILE A 469 30.62 3.62 -9.52
CA ILE A 469 30.65 2.98 -8.21
C ILE A 469 29.38 2.14 -8.04
N PRO A 470 29.53 0.83 -7.79
CA PRO A 470 28.36 -0.04 -7.60
C PRO A 470 27.72 0.25 -6.25
N ILE A 471 27.13 1.43 -6.14
CA ILE A 471 26.50 1.89 -4.91
C ILE A 471 25.70 0.84 -4.12
N LEU A 472 24.92 0.02 -4.80
CA LEU A 472 24.15 -0.99 -4.09
C LEU A 472 25.04 -2.02 -3.39
N ASN A 473 26.15 -2.38 -4.03
CA ASN A 473 27.07 -3.32 -3.41
C ASN A 473 27.80 -2.68 -2.22
N VAL A 474 27.95 -1.36 -2.24
CA VAL A 474 28.59 -0.64 -1.15
C VAL A 474 27.67 -0.74 0.07
N ILE A 475 26.38 -0.49 -0.14
CA ILE A 475 25.38 -0.59 0.94
C ILE A 475 25.31 -2.01 1.47
N GLU A 476 25.24 -2.99 0.57
CA GLU A 476 25.15 -4.38 0.99
C GLU A 476 26.40 -4.88 1.72
N LYS A 477 27.57 -4.45 1.27
CA LYS A 477 28.81 -4.87 1.93
C LYS A 477 28.79 -4.35 3.37
N ILE A 478 28.52 -3.05 3.51
CA ILE A 478 28.49 -2.44 4.83
C ILE A 478 27.37 -3.01 5.70
N ALA A 479 26.31 -3.53 5.07
CA ALA A 479 25.19 -4.06 5.82
C ALA A 479 25.29 -5.55 6.17
N GLN A 480 26.44 -6.18 5.90
CA GLN A 480 26.58 -7.61 6.19
C GLN A 480 26.11 -8.03 7.57
N LYS A 481 26.54 -7.29 8.58
CA LYS A 481 26.16 -7.58 9.95
C LYS A 481 24.65 -7.63 10.10
N GLN A 482 24.00 -6.55 9.67
CA GLN A 482 22.55 -6.43 9.75
C GLN A 482 21.83 -7.52 8.96
N ILE A 483 22.37 -7.87 7.82
CA ILE A 483 21.76 -8.92 6.98
C ILE A 483 21.81 -10.27 7.69
N ALA A 484 22.93 -10.56 8.35
CA ALA A 484 23.07 -11.82 9.06
C ALA A 484 22.02 -11.92 10.17
N GLU A 485 21.53 -10.78 10.61
CA GLU A 485 20.53 -10.74 11.66
C GLU A 485 19.09 -10.70 11.12
N GLU A 486 18.95 -10.68 9.80
CA GLU A 486 17.63 -10.63 9.19
C GLU A 486 16.98 -12.02 9.26
N LYS A 487 16.45 -12.31 10.43
CA LYS A 487 15.80 -13.58 10.67
C LYS A 487 14.51 -13.38 11.41
N GLY A 488 13.43 -13.82 10.80
CA GLY A 488 12.14 -13.68 11.45
C GLY A 488 11.28 -14.90 11.20
N LEU A 489 10.03 -14.80 11.66
CA LEU A 489 9.08 -15.87 11.46
C LEU A 489 7.82 -15.25 10.90
N MET A 490 7.20 -15.97 9.97
CA MET A 490 5.97 -15.53 9.34
C MET A 490 5.00 -16.71 9.45
N ARG A 491 3.81 -16.47 9.98
CA ARG A 491 2.84 -17.55 10.08
C ARG A 491 2.35 -17.78 8.65
N ALA A 492 2.29 -19.04 8.23
CA ALA A 492 1.89 -19.39 6.88
C ALA A 492 0.52 -18.87 6.44
N GLY A 493 0.35 -18.72 5.13
CA GLY A 493 -0.90 -18.25 4.58
C GLY A 493 -2.02 -19.13 5.08
N ARG A 494 -2.87 -18.57 5.93
CA ARG A 494 -3.96 -19.30 6.57
C ARG A 494 -5.23 -19.52 5.74
N GLY A 495 -5.44 -18.70 4.73
CA GLY A 495 -6.62 -18.88 3.93
C GLY A 495 -7.76 -18.02 4.43
N GLN A 496 -8.99 -18.47 4.19
CA GLN A 496 -10.18 -17.73 4.57
C GLN A 496 -10.42 -17.60 6.06
N VAL A 497 -11.38 -16.75 6.41
CA VAL A 497 -11.79 -16.56 7.78
C VAL A 497 -12.97 -17.53 7.78
N SER A 498 -13.06 -18.39 8.78
CA SER A 498 -14.15 -19.37 8.82
C SER A 498 -15.48 -18.78 9.27
N ASP A 499 -16.56 -19.47 8.95
CA ASP A 499 -17.87 -18.99 9.38
C ASP A 499 -17.90 -18.90 10.91
N ALA A 500 -17.26 -19.86 11.57
CA ALA A 500 -17.20 -19.88 13.04
C ALA A 500 -16.58 -18.59 13.59
N GLU A 501 -15.54 -18.10 12.94
CA GLU A 501 -14.90 -16.88 13.40
C GLU A 501 -15.82 -15.70 13.10
N ILE A 502 -16.55 -15.75 12.00
CA ILE A 502 -17.47 -14.67 11.66
C ILE A 502 -18.56 -14.59 12.74
N ARG A 503 -19.06 -15.74 13.16
CA ARG A 503 -20.11 -15.76 14.18
C ARG A 503 -19.57 -15.25 15.51
N ALA A 504 -18.34 -15.59 15.81
CA ALA A 504 -17.72 -15.13 17.05
C ALA A 504 -17.49 -13.61 17.08
N GLU A 505 -17.07 -13.05 15.96
CA GLU A 505 -16.72 -11.62 15.88
C GLU A 505 -17.72 -10.68 15.23
N GLY A 506 -18.69 -11.24 14.51
CA GLY A 506 -19.68 -10.44 13.82
C GLY A 506 -20.35 -9.34 14.63
N LEU A 507 -21.07 -9.72 15.68
CA LEU A 507 -21.76 -8.74 16.52
C LEU A 507 -20.79 -7.68 17.04
N ASN A 508 -19.70 -8.12 17.67
CA ASN A 508 -18.71 -7.18 18.23
C ASN A 508 -18.25 -6.15 17.21
N LEU A 509 -17.97 -6.59 15.99
CA LEU A 509 -17.50 -5.69 14.96
C LEU A 509 -18.56 -4.65 14.61
N VAL A 510 -19.79 -5.11 14.48
CA VAL A 510 -20.90 -4.23 14.11
C VAL A 510 -21.29 -3.22 15.20
N MET A 511 -21.21 -3.61 16.48
CA MET A 511 -21.54 -2.67 17.56
C MET A 511 -20.39 -1.68 17.71
N GLY A 512 -19.19 -2.18 17.39
CA GLY A 512 -18.00 -1.36 17.48
C GLY A 512 -17.12 -1.72 18.67
N THR A 513 -17.63 -2.58 19.56
CA THR A 513 -16.87 -2.97 20.74
C THR A 513 -15.57 -3.65 20.35
N THR A 514 -15.54 -4.23 19.16
CA THR A 514 -14.29 -4.77 18.62
C THR A 514 -14.08 -3.57 17.68
N PRO A 515 -13.06 -2.73 17.97
CA PRO A 515 -12.70 -1.51 17.23
C PRO A 515 -12.54 -1.54 15.71
N GLY A 516 -12.47 -2.72 15.12
CA GLY A 516 -12.35 -2.78 13.68
C GLY A 516 -11.39 -3.82 13.16
N ILE A 517 -11.44 -4.02 11.85
CA ILE A 517 -10.55 -4.95 11.17
C ILE A 517 -9.43 -4.11 10.53
N ILE A 518 -8.17 -4.43 10.84
CA ILE A 518 -7.02 -3.72 10.27
C ILE A 518 -6.30 -4.65 9.31
N ALA A 519 -6.29 -4.31 8.03
CA ALA A 519 -5.66 -5.13 6.98
C ALA A 519 -4.36 -4.50 6.49
N ILE A 520 -3.23 -5.10 6.83
CA ILE A 520 -1.94 -4.58 6.39
C ILE A 520 -1.49 -5.41 5.20
N ILE A 521 -1.56 -4.82 4.01
CA ILE A 521 -1.24 -5.56 2.80
C ILE A 521 -0.37 -4.80 1.83
N GLY A 522 -0.11 -5.44 0.70
CA GLY A 522 0.65 -4.73 -0.33
C GLY A 522 2.16 -4.74 -0.39
N CYS A 523 2.63 -4.05 -1.43
CA CYS A 523 4.03 -3.91 -1.84
C CYS A 523 5.02 -3.29 -0.88
N PRO A 524 6.33 -3.44 -1.17
CA PRO A 524 7.37 -2.87 -0.30
C PRO A 524 8.00 -1.55 -0.75
N ASN A 525 7.29 -0.74 -1.54
CA ASN A 525 7.83 0.55 -1.95
C ASN A 525 7.59 1.57 -0.83
N TYR A 526 8.13 1.27 0.35
CA TYR A 526 7.99 2.13 1.52
C TYR A 526 8.88 3.36 1.32
N ALA A 527 8.54 4.48 1.96
CA ALA A 527 9.34 5.69 1.87
C ALA A 527 10.29 5.83 3.06
N GLY A 528 10.12 5.00 4.09
CA GLY A 528 10.99 5.09 5.25
C GLY A 528 11.42 3.77 5.90
N GLY A 529 11.71 2.75 5.09
CA GLY A 529 12.13 1.47 5.63
C GLY A 529 11.01 0.45 5.81
N THR A 530 11.39 -0.78 6.12
CA THR A 530 10.40 -1.84 6.26
C THR A 530 9.91 -2.20 7.67
N LYS A 531 10.32 -1.44 8.69
CA LYS A 531 9.85 -1.76 10.05
C LYS A 531 8.51 -1.09 10.36
N ASP A 532 8.11 -0.12 9.53
CA ASP A 532 6.86 0.60 9.73
C ASP A 532 5.64 -0.32 9.93
N VAL A 533 5.44 -1.27 9.03
CA VAL A 533 4.31 -2.19 9.14
C VAL A 533 4.33 -2.98 10.44
N TYR A 534 5.52 -3.24 10.95
CA TYR A 534 5.68 -3.96 12.22
C TYR A 534 5.11 -3.11 13.37
N TYR A 535 5.62 -1.89 13.50
CA TYR A 535 5.16 -0.98 14.56
C TYR A 535 3.66 -0.78 14.51
N ILE A 536 3.13 -0.67 13.29
CA ILE A 536 1.71 -0.46 13.09
C ILE A 536 0.91 -1.69 13.52
N ALA A 537 1.31 -2.87 13.04
CA ALA A 537 0.63 -4.11 13.39
C ALA A 537 0.61 -4.26 14.91
N GLU A 538 1.75 -4.01 15.54
CA GLU A 538 1.88 -4.11 17.00
C GLU A 538 0.93 -3.18 17.77
N GLU A 539 0.93 -1.90 17.40
CA GLU A 539 0.09 -0.93 18.06
C GLU A 539 -1.36 -1.40 18.03
N PHE A 540 -1.77 -1.92 16.88
CA PHE A 540 -3.15 -2.37 16.78
C PHE A 540 -3.46 -3.67 17.46
N LEU A 541 -2.51 -4.58 17.46
CA LEU A 541 -2.71 -5.87 18.13
C LEU A 541 -2.85 -5.66 19.64
N LYS A 542 -2.06 -4.73 20.19
CA LYS A 542 -2.11 -4.42 21.63
C LYS A 542 -3.43 -3.77 22.02
N ARG A 543 -4.05 -3.05 21.08
CA ARG A 543 -5.31 -2.40 21.39
C ARG A 543 -6.50 -3.28 21.01
N ASN A 544 -6.21 -4.55 20.75
CA ASN A 544 -7.23 -5.54 20.43
C ASN A 544 -8.09 -5.42 19.17
N PHE A 545 -7.49 -4.90 18.10
CA PHE A 545 -8.23 -4.82 16.84
C PHE A 545 -7.97 -6.18 16.21
N ILE A 546 -8.69 -6.50 15.14
CA ILE A 546 -8.48 -7.75 14.42
C ILE A 546 -7.49 -7.39 13.29
N VAL A 547 -6.28 -7.92 13.36
CA VAL A 547 -5.29 -7.62 12.33
C VAL A 547 -5.04 -8.80 11.39
N VAL A 548 -5.17 -8.54 10.09
CA VAL A 548 -4.95 -9.54 9.07
C VAL A 548 -3.95 -8.91 8.10
N THR A 549 -3.13 -9.73 7.47
CA THR A 549 -2.12 -9.22 6.56
C THR A 549 -1.91 -10.19 5.42
N THR A 550 -1.26 -9.72 4.36
CA THR A 550 -0.99 -10.56 3.20
C THR A 550 0.25 -10.04 2.47
N GLY A 551 0.72 -10.83 1.51
CA GLY A 551 1.83 -10.42 0.68
C GLY A 551 3.10 -9.89 1.34
N CYS A 552 3.78 -8.98 0.65
CA CYS A 552 5.01 -8.42 1.17
C CYS A 552 4.81 -7.82 2.56
N GLY A 553 3.62 -7.31 2.83
CA GLY A 553 3.36 -6.76 4.15
C GLY A 553 3.44 -7.85 5.22
N ALA A 554 2.85 -9.00 4.93
CA ALA A 554 2.86 -10.12 5.87
C ALA A 554 4.30 -10.51 6.16
N MET A 555 5.13 -10.46 5.13
CA MET A 555 6.53 -10.82 5.26
C MET A 555 7.30 -9.89 6.19
N ASP A 556 7.32 -8.60 5.88
CA ASP A 556 8.05 -7.63 6.69
C ASP A 556 7.54 -7.56 8.14
N ILE A 557 6.23 -7.74 8.33
CA ILE A 557 5.64 -7.72 9.67
C ILE A 557 6.33 -8.76 10.57
N GLY A 558 6.83 -9.84 9.97
CA GLY A 558 7.49 -10.88 10.72
C GLY A 558 9.02 -10.81 10.68
N MET A 559 9.57 -9.69 10.23
CA MET A 559 11.01 -9.56 10.14
C MET A 559 11.67 -8.96 11.39
N PHE A 560 10.86 -8.62 12.39
CA PHE A 560 11.42 -8.02 13.59
C PHE A 560 10.98 -8.72 14.87
N LYS A 561 11.85 -8.61 15.89
CA LYS A 561 11.63 -9.24 17.18
C LYS A 561 11.74 -8.25 18.33
N ASP A 562 11.05 -8.54 19.44
CA ASP A 562 11.10 -7.64 20.58
C ASP A 562 12.27 -7.96 21.50
N ALA A 563 12.30 -7.27 22.64
CA ALA A 563 13.35 -7.46 23.64
C ALA A 563 13.48 -8.92 24.06
N ASP A 564 12.42 -9.69 23.93
CA ASP A 564 12.48 -11.09 24.30
C ASP A 564 12.86 -11.96 23.11
N GLY A 565 13.01 -11.33 21.95
CA GLY A 565 13.36 -12.08 20.75
C GLY A 565 12.17 -12.77 20.11
N LYS A 566 10.97 -12.27 20.38
CA LYS A 566 9.75 -12.87 19.81
C LYS A 566 9.10 -12.01 18.73
N THR A 567 8.54 -12.67 17.71
CA THR A 567 7.87 -12.01 16.59
C THR A 567 6.41 -11.76 16.95
N LEU A 568 5.75 -10.92 16.17
CA LEU A 568 4.34 -10.63 16.42
C LEU A 568 3.48 -11.89 16.24
N TYR A 569 3.86 -12.72 15.28
CA TYR A 569 3.11 -13.96 15.06
C TYR A 569 3.21 -14.85 16.30
N GLU A 570 4.30 -14.72 17.05
CA GLU A 570 4.48 -15.52 18.26
C GLU A 570 3.78 -14.88 19.47
N ARG A 571 3.76 -13.56 19.52
CA ARG A 571 3.15 -12.82 20.62
C ARG A 571 1.63 -12.77 20.55
N PHE A 572 1.08 -12.89 19.35
CA PHE A 572 -0.35 -12.85 19.20
C PHE A 572 -0.88 -14.05 18.42
N PRO A 573 -2.03 -14.59 18.86
CA PRO A 573 -2.69 -15.74 18.26
C PRO A 573 -3.09 -15.47 16.80
N GLY A 574 -3.12 -16.54 16.00
CA GLY A 574 -3.43 -16.44 14.58
C GLY A 574 -4.88 -16.51 14.13
N GLY A 575 -5.82 -16.47 15.06
CA GLY A 575 -7.21 -16.52 14.67
C GLY A 575 -7.77 -15.15 14.27
N PHE A 576 -8.92 -15.16 13.60
CA PHE A 576 -9.57 -13.92 13.22
C PHE A 576 -10.26 -13.56 14.54
N GLN A 577 -9.56 -12.79 15.37
CA GLN A 577 -10.07 -12.44 16.70
C GLN A 577 -9.45 -11.13 17.18
N CYS A 578 -10.04 -10.54 18.21
CA CYS A 578 -9.51 -9.31 18.78
C CYS A 578 -8.11 -9.62 19.31
N GLY A 579 -7.13 -8.79 18.93
CA GLY A 579 -5.78 -9.02 19.40
C GLY A 579 -5.11 -10.16 18.64
N GLY A 580 -5.71 -10.55 17.52
CA GLY A 580 -5.15 -11.62 16.72
C GLY A 580 -4.51 -11.12 15.44
N LEU A 581 -3.47 -11.82 14.99
CA LEU A 581 -2.73 -11.47 13.77
C LEU A 581 -2.73 -12.66 12.83
N ALA A 582 -3.46 -12.55 11.73
CA ALA A 582 -3.48 -13.66 10.80
C ALA A 582 -2.95 -13.28 9.42
N ASN A 583 -1.97 -14.05 8.96
CA ASN A 583 -1.43 -13.86 7.63
C ASN A 583 -2.37 -14.65 6.72
N ILE A 584 -3.32 -13.96 6.11
CA ILE A 584 -4.31 -14.57 5.22
C ILE A 584 -3.70 -15.37 4.07
N GLY A 585 -2.56 -14.92 3.56
CA GLY A 585 -1.91 -15.62 2.46
C GLY A 585 -1.16 -14.72 1.48
N SER A 586 -1.06 -15.12 0.21
CA SER A 586 -0.39 -14.30 -0.80
C SER A 586 -1.35 -13.18 -1.21
N CYS A 587 -0.93 -12.29 -2.10
CA CYS A 587 -1.77 -11.19 -2.58
C CYS A 587 -3.14 -11.61 -3.10
N VAL A 588 -3.26 -12.79 -3.70
CA VAL A 588 -4.58 -13.20 -4.20
C VAL A 588 -5.49 -13.49 -3.00
N SER A 589 -4.90 -13.76 -1.85
CA SER A 589 -5.66 -14.04 -0.62
C SER A 589 -6.35 -12.78 -0.08
N ASN A 590 -6.03 -11.62 -0.63
CA ASN A 590 -6.68 -10.41 -0.18
C ASN A 590 -8.19 -10.58 -0.38
N ALA A 591 -8.59 -11.44 -1.33
CA ALA A 591 -10.00 -11.70 -1.59
C ALA A 591 -10.72 -12.23 -0.34
N HIS A 592 -9.98 -12.80 0.60
CA HIS A 592 -10.63 -13.32 1.81
C HIS A 592 -10.86 -12.23 2.84
N ILE A 593 -10.19 -11.08 2.65
CA ILE A 593 -10.35 -9.95 3.56
C ILE A 593 -11.68 -9.27 3.23
N THR A 594 -11.92 -8.99 1.95
CA THR A 594 -13.21 -8.43 1.60
C THR A 594 -14.22 -9.55 1.82
N GLY A 595 -13.77 -10.79 1.60
CA GLY A 595 -14.66 -11.93 1.80
C GLY A 595 -15.16 -12.04 3.23
N ALA A 596 -14.29 -11.75 4.20
CA ALA A 596 -14.67 -11.82 5.60
C ALA A 596 -15.68 -10.73 5.95
N ALA A 597 -15.44 -9.52 5.43
CA ALA A 597 -16.34 -8.41 5.67
C ALA A 597 -17.70 -8.74 5.04
N GLU A 598 -17.65 -9.35 3.87
CA GLU A 598 -18.86 -9.74 3.15
C GLU A 598 -19.61 -10.83 3.93
N LYS A 599 -18.87 -11.70 4.60
CA LYS A 599 -19.49 -12.77 5.36
C LYS A 599 -20.09 -12.25 6.68
N VAL A 600 -19.60 -11.11 7.15
CA VAL A 600 -20.17 -10.52 8.35
C VAL A 600 -21.59 -10.15 7.97
N ALA A 601 -21.73 -9.52 6.80
CA ALA A 601 -23.05 -9.12 6.33
C ALA A 601 -23.92 -10.32 5.97
N ALA A 602 -23.31 -11.37 5.41
CA ALA A 602 -24.08 -12.55 5.02
C ALA A 602 -24.44 -13.46 6.19
N ILE A 603 -23.51 -13.62 7.13
CA ILE A 603 -23.74 -14.50 8.26
C ILE A 603 -24.32 -13.81 9.49
N PHE A 604 -23.69 -12.73 9.94
CA PHE A 604 -24.21 -12.02 11.12
C PHE A 604 -25.51 -11.30 10.78
N ALA A 605 -25.46 -10.48 9.74
CA ALA A 605 -26.62 -9.71 9.37
C ALA A 605 -27.59 -10.45 8.47
N GLN A 606 -27.19 -11.64 8.02
CA GLN A 606 -28.04 -12.46 7.16
C GLN A 606 -28.54 -11.76 5.88
N ARG A 607 -27.69 -10.92 5.28
CA ARG A 607 -28.07 -10.24 4.05
C ARG A 607 -27.78 -11.19 2.90
N THR A 608 -28.51 -11.03 1.80
CA THR A 608 -28.32 -11.85 0.61
C THR A 608 -27.09 -11.38 -0.17
N LEU A 609 -26.27 -12.33 -0.59
CA LEU A 609 -25.04 -12.03 -1.33
C LEU A 609 -25.25 -12.04 -2.84
N GLU A 610 -25.94 -13.07 -3.34
CA GLU A 610 -26.17 -13.22 -4.78
C GLU A 610 -26.61 -11.95 -5.52
N GLY A 611 -25.76 -11.49 -6.44
CA GLY A 611 -26.03 -10.30 -7.24
C GLY A 611 -26.43 -9.10 -6.40
N ASN A 612 -25.80 -8.93 -5.25
CA ASN A 612 -26.20 -7.84 -4.35
C ASN A 612 -25.04 -7.04 -3.78
N LEU A 613 -24.06 -6.69 -4.61
CA LEU A 613 -22.90 -5.95 -4.13
C LEU A 613 -23.21 -4.63 -3.44
N ALA A 614 -24.08 -3.82 -4.03
CA ALA A 614 -24.40 -2.51 -3.46
C ALA A 614 -24.93 -2.57 -2.03
N GLU A 615 -25.87 -3.47 -1.77
CA GLU A 615 -26.41 -3.58 -0.42
C GLU A 615 -25.32 -3.97 0.57
N ILE A 616 -24.44 -4.89 0.14
CA ILE A 616 -23.37 -5.40 0.99
C ILE A 616 -22.32 -4.31 1.26
N GLY A 617 -21.91 -3.59 0.22
CA GLY A 617 -20.94 -2.52 0.42
C GLY A 617 -21.52 -1.41 1.29
N ASP A 618 -22.80 -1.12 1.08
CA ASP A 618 -23.52 -0.09 1.83
C ASP A 618 -23.62 -0.47 3.30
N TYR A 619 -23.84 -1.75 3.55
CA TYR A 619 -23.94 -2.26 4.91
C TYR A 619 -22.59 -2.09 5.59
N ILE A 620 -21.54 -2.45 4.87
CA ILE A 620 -20.18 -2.35 5.40
C ILE A 620 -19.81 -0.88 5.63
N LEU A 621 -20.07 -0.02 4.66
CA LEU A 621 -19.75 1.40 4.83
C LEU A 621 -20.47 2.04 6.03
N ASN A 622 -21.65 1.53 6.37
CA ASN A 622 -22.43 2.05 7.48
C ASN A 622 -22.26 1.36 8.82
N ARG A 623 -21.89 0.08 8.81
CA ARG A 623 -21.82 -0.69 10.05
C ARG A 623 -20.63 -1.60 10.36
N VAL A 624 -19.67 -1.70 9.45
CA VAL A 624 -18.54 -2.57 9.74
C VAL A 624 -17.22 -1.81 9.74
N GLY A 625 -16.72 -1.56 10.94
CA GLY A 625 -15.48 -0.83 11.08
C GLY A 625 -14.29 -1.57 10.53
N ALA A 626 -13.57 -0.93 9.61
CA ALA A 626 -12.38 -1.54 9.01
C ALA A 626 -11.56 -0.50 8.26
N CYS A 627 -10.28 -0.83 8.05
CA CYS A 627 -9.38 0.06 7.32
C CYS A 627 -8.19 -0.70 6.77
N GLY A 628 -7.93 -0.55 5.47
CA GLY A 628 -6.80 -1.23 4.89
C GLY A 628 -5.58 -0.33 4.95
N LEU A 629 -4.42 -0.94 4.86
CA LEU A 629 -3.15 -0.21 4.84
C LEU A 629 -2.25 -0.85 3.79
N ALA A 630 -1.81 -0.08 2.80
CA ALA A 630 -0.88 -0.61 1.79
C ALA A 630 0.21 0.44 1.81
N TRP A 631 1.00 0.39 2.89
CA TRP A 631 2.05 1.35 3.15
C TRP A 631 3.14 1.47 2.09
N GLY A 632 3.33 0.42 1.31
CA GLY A 632 4.36 0.46 0.27
C GLY A 632 3.82 0.08 -1.10
N ALA A 633 2.56 0.42 -1.35
CA ALA A 633 1.90 0.12 -2.61
C ALA A 633 2.70 0.64 -3.80
N PHE A 634 2.92 -0.23 -4.78
CA PHE A 634 3.67 0.13 -5.98
C PHE A 634 3.03 -0.38 -7.26
N SER A 635 2.55 -1.62 -7.21
CA SER A 635 1.97 -2.31 -8.35
C SER A 635 0.58 -1.91 -8.81
N GLN A 636 0.28 -2.26 -10.07
CA GLN A 636 -1.03 -2.00 -10.62
C GLN A 636 -2.01 -2.85 -9.81
N LYS A 637 -1.56 -4.02 -9.41
CA LYS A 637 -2.38 -4.92 -8.60
C LYS A 637 -2.83 -4.27 -7.29
N ALA A 638 -1.96 -3.46 -6.69
CA ALA A 638 -2.34 -2.80 -5.45
C ALA A 638 -3.48 -1.81 -5.69
N SER A 639 -3.46 -1.10 -6.82
CA SER A 639 -4.54 -0.16 -7.11
C SER A 639 -5.86 -0.88 -7.28
N SER A 640 -5.85 -2.03 -7.96
CA SER A 640 -7.09 -2.77 -8.16
C SER A 640 -7.61 -3.33 -6.84
N ILE A 641 -6.72 -3.87 -6.02
CA ILE A 641 -7.13 -4.42 -4.73
C ILE A 641 -7.78 -3.33 -3.87
N GLY A 642 -7.09 -2.20 -3.74
CA GLY A 642 -7.60 -1.10 -2.94
C GLY A 642 -8.93 -0.61 -3.48
N THR A 643 -9.04 -0.51 -4.80
CA THR A 643 -10.28 -0.05 -5.43
C THR A 643 -11.41 -1.08 -5.14
N GLY A 644 -11.05 -2.37 -5.05
CA GLY A 644 -12.04 -3.39 -4.74
C GLY A 644 -12.55 -3.20 -3.30
N CYS A 645 -11.63 -2.91 -2.39
CA CYS A 645 -12.02 -2.67 -1.00
C CYS A 645 -12.97 -1.47 -0.94
N ASN A 646 -12.66 -0.45 -1.71
CA ASN A 646 -13.44 0.77 -1.76
C ASN A 646 -14.89 0.55 -2.18
N ILE A 647 -15.11 -0.22 -3.25
CA ILE A 647 -16.48 -0.45 -3.69
C ILE A 647 -17.28 -1.23 -2.64
N PHE A 648 -16.59 -1.88 -1.69
CA PHE A 648 -17.32 -2.59 -0.65
C PHE A 648 -17.38 -1.75 0.64
N GLY A 649 -17.22 -0.44 0.49
CA GLY A 649 -17.30 0.44 1.66
C GLY A 649 -16.17 0.33 2.65
N ILE A 650 -15.00 -0.07 2.18
CA ILE A 650 -13.82 -0.20 3.04
C ILE A 650 -12.73 0.79 2.65
N PRO A 651 -12.40 1.71 3.58
CA PRO A 651 -11.37 2.73 3.35
C PRO A 651 -9.97 2.13 3.41
N ALA A 652 -9.00 2.78 2.76
CA ALA A 652 -7.63 2.30 2.79
C ALA A 652 -6.63 3.44 2.79
N VAL A 653 -5.61 3.32 3.65
CA VAL A 653 -4.55 4.30 3.76
C VAL A 653 -3.36 3.75 2.95
N LEU A 654 -2.81 4.54 2.06
CA LEU A 654 -1.66 4.10 1.27
C LEU A 654 -0.45 4.96 1.60
N GLY A 655 0.74 4.43 1.33
CA GLY A 655 1.97 5.16 1.59
C GLY A 655 2.11 6.32 0.62
N PRO A 656 2.98 7.29 0.91
CA PRO A 656 3.20 8.47 0.07
C PRO A 656 3.50 8.26 -1.43
N HIS A 657 4.23 7.21 -1.76
CA HIS A 657 4.52 6.97 -3.19
C HIS A 657 3.20 6.70 -3.94
N SER A 658 2.18 6.23 -3.21
CA SER A 658 0.88 5.93 -3.82
C SER A 658 0.18 7.15 -4.41
N SER A 659 0.63 8.34 -4.02
CA SER A 659 0.05 9.57 -4.53
C SER A 659 0.27 9.58 -6.05
N LYS A 660 1.22 8.76 -6.51
CA LYS A 660 1.55 8.67 -7.93
C LYS A 660 0.52 7.90 -8.76
N TYR A 661 -0.47 7.28 -8.10
CA TYR A 661 -1.48 6.53 -8.86
C TYR A 661 -2.40 7.51 -9.61
N ARG A 662 -2.44 8.75 -9.14
CA ARG A 662 -3.18 9.87 -9.73
C ARG A 662 -4.56 10.20 -9.18
N ARG A 663 -5.20 9.27 -8.48
CA ARG A 663 -6.53 9.53 -8.00
C ARG A 663 -6.82 9.02 -6.60
N ALA A 664 -7.17 9.95 -5.72
CA ALA A 664 -7.52 9.61 -4.34
C ALA A 664 -9.01 9.87 -4.16
N LEU A 665 -9.62 9.24 -3.18
CA LEU A 665 -11.05 9.43 -2.89
C LEU A 665 -11.14 10.01 -1.47
N ILE A 666 -11.37 11.32 -1.40
CA ILE A 666 -11.44 12.03 -0.13
C ILE A 666 -12.71 12.88 -0.02
N ALA A 667 -13.33 12.85 1.16
CA ALA A 667 -14.54 13.63 1.39
C ALA A 667 -14.22 14.99 2.00
N LYS A 668 -15.11 15.96 1.78
CA LYS A 668 -14.95 17.29 2.37
C LYS A 668 -15.68 17.24 3.72
N THR A 669 -14.91 17.25 4.80
CA THR A 669 -15.50 17.18 6.14
C THR A 669 -16.26 18.45 6.54
N TYR A 670 -16.03 19.54 5.82
CA TYR A 670 -16.67 20.81 6.13
C TYR A 670 -17.96 21.12 5.37
N GLU A 671 -18.42 20.19 4.54
CA GLU A 671 -19.65 20.40 3.78
C GLU A 671 -20.77 19.53 4.36
N GLU A 672 -21.68 20.17 5.07
CA GLU A 672 -22.80 19.52 5.73
C GLU A 672 -23.61 18.53 4.89
N ASP A 673 -23.97 18.92 3.68
CA ASP A 673 -24.78 18.04 2.85
C ASP A 673 -24.05 16.84 2.24
N LYS A 674 -22.79 16.65 2.59
CA LYS A 674 -22.04 15.49 2.09
C LYS A 674 -22.19 14.39 3.14
N TRP A 675 -22.78 14.73 4.28
CA TRP A 675 -22.91 13.75 5.34
C TRP A 675 -24.33 13.42 5.80
N LYS A 676 -25.14 13.01 4.83
CA LYS A 676 -26.52 12.63 5.08
C LYS A 676 -26.85 11.33 4.34
N VAL A 677 -27.60 10.47 5.01
CA VAL A 677 -28.00 9.19 4.44
C VAL A 677 -29.51 9.05 4.70
N TYR A 678 -30.09 7.90 4.37
CA TYR A 678 -31.51 7.70 4.63
C TYR A 678 -31.67 6.76 5.78
N ASP A 679 -32.83 6.81 6.43
CA ASP A 679 -33.12 5.87 7.50
C ASP A 679 -34.07 4.93 6.78
N ALA A 680 -33.63 3.70 6.57
CA ALA A 680 -34.44 2.72 5.85
C ALA A 680 -35.80 2.48 6.52
N ARG A 681 -35.92 2.83 7.79
CA ARG A 681 -37.18 2.65 8.50
C ARG A 681 -38.29 3.54 7.93
N ASN A 682 -37.93 4.76 7.54
CA ASN A 682 -38.94 5.70 7.04
C ASN A 682 -38.64 6.45 5.76
N GLY A 683 -37.42 6.36 5.25
CA GLY A 683 -37.09 7.06 4.02
C GLY A 683 -36.67 8.50 4.26
N GLN A 684 -36.67 8.92 5.52
CA GLN A 684 -36.28 10.30 5.87
C GLN A 684 -34.77 10.45 5.83
N GLU A 685 -34.30 11.64 5.48
CA GLU A 685 -32.86 11.85 5.48
C GLU A 685 -32.41 12.00 6.94
N MET A 686 -31.19 11.56 7.21
CA MET A 686 -30.62 11.63 8.55
C MET A 686 -29.15 11.97 8.43
N PRO A 687 -28.60 12.71 9.39
CA PRO A 687 -27.18 13.05 9.32
C PRO A 687 -26.29 11.95 9.89
N ILE A 688 -25.09 11.83 9.35
CA ILE A 688 -24.13 10.86 9.84
C ILE A 688 -22.84 11.60 10.12
N PRO A 689 -22.04 11.07 11.05
CA PRO A 689 -20.77 11.70 11.40
C PRO A 689 -19.83 11.60 10.18
N PRO A 690 -18.75 12.39 10.17
CA PRO A 690 -17.84 12.32 9.02
C PRO A 690 -16.90 11.12 9.14
N ALA A 691 -17.43 9.90 9.04
CA ALA A 691 -16.60 8.70 9.18
C ALA A 691 -17.04 7.52 8.29
N PRO A 692 -16.11 6.97 7.50
CA PRO A 692 -14.72 7.42 7.42
C PRO A 692 -14.66 8.70 6.56
N GLU A 693 -13.60 9.49 6.70
CA GLU A 693 -13.48 10.73 5.95
C GLU A 693 -12.84 10.58 4.57
N PHE A 694 -12.52 9.34 4.19
CA PHE A 694 -11.92 9.05 2.89
C PHE A 694 -12.13 7.56 2.59
N LEU A 695 -11.83 7.16 1.35
CA LEU A 695 -11.91 5.76 0.98
C LEU A 695 -10.54 5.34 0.52
N LEU A 696 -9.81 6.26 -0.11
CA LEU A 696 -8.46 5.98 -0.60
C LEU A 696 -7.63 7.26 -0.52
N THR A 697 -6.68 7.28 0.40
CA THR A 697 -5.82 8.44 0.60
C THR A 697 -4.40 8.00 0.94
N THR A 698 -3.48 8.95 1.00
CA THR A 698 -2.11 8.61 1.37
C THR A 698 -1.78 9.27 2.70
N ALA A 699 -0.86 8.66 3.43
CA ALA A 699 -0.40 9.23 4.69
C ALA A 699 1.09 9.37 4.43
N GLU A 700 1.76 10.29 5.11
CA GLU A 700 3.20 10.48 4.88
C GLU A 700 4.11 9.62 5.74
N THR A 701 3.81 9.52 7.03
CA THR A 701 4.63 8.73 7.93
C THR A 701 3.78 7.68 8.65
N TRP A 702 4.44 6.66 9.18
CA TRP A 702 3.69 5.60 9.86
C TRP A 702 3.04 6.12 11.13
N GLN A 703 3.63 7.16 11.72
CA GLN A 703 3.06 7.74 12.93
C GLN A 703 1.76 8.43 12.59
N GLU A 704 1.68 9.02 11.40
CA GLU A 704 0.45 9.68 11.00
C GLU A 704 -0.59 8.62 10.65
N ALA A 705 -0.17 7.58 9.95
CA ALA A 705 -1.07 6.51 9.52
C ALA A 705 -1.87 5.85 10.64
N ILE A 706 -1.23 5.58 11.78
CA ILE A 706 -1.91 4.91 12.89
C ILE A 706 -3.20 5.59 13.34
N PRO A 707 -3.12 6.84 13.85
CA PRO A 707 -4.37 7.47 14.26
C PRO A 707 -5.39 7.62 13.13
N MET A 708 -4.90 7.78 11.90
CA MET A 708 -5.79 7.91 10.76
C MET A 708 -6.58 6.62 10.57
N MET A 709 -5.90 5.49 10.70
CA MET A 709 -6.54 4.19 10.55
C MET A 709 -7.57 3.93 11.65
N ALA A 710 -7.22 4.29 12.89
CA ALA A 710 -8.12 4.09 14.03
C ALA A 710 -9.41 4.88 13.82
N LYS A 711 -9.26 6.15 13.47
CA LYS A 711 -10.40 7.02 13.21
C LYS A 711 -11.23 6.47 12.04
N ALA A 712 -10.54 5.96 11.02
CA ALA A 712 -11.22 5.41 9.85
C ALA A 712 -12.15 4.24 10.16
N CYS A 713 -12.02 3.64 11.33
CA CYS A 713 -12.87 2.52 11.72
C CYS A 713 -14.21 2.93 12.39
N ILE A 714 -14.33 4.21 12.74
CA ILE A 714 -15.56 4.70 13.36
C ILE A 714 -16.70 4.57 12.35
N ARG A 715 -17.84 4.04 12.78
CA ARG A 715 -18.98 3.88 11.89
C ARG A 715 -20.27 4.47 12.45
N PRO A 716 -21.13 5.01 11.59
CA PRO A 716 -22.40 5.62 11.96
C PRO A 716 -23.24 4.77 12.94
N SER A 717 -23.25 3.45 12.74
CA SER A 717 -24.03 2.55 13.59
C SER A 717 -23.34 2.01 14.83
N ASP A 718 -22.20 2.57 15.22
CA ASP A 718 -21.55 2.11 16.44
C ASP A 718 -22.58 2.26 17.56
N ASN A 719 -22.58 1.34 18.53
CA ASN A 719 -23.50 1.50 19.65
C ASN A 719 -22.71 2.38 20.61
N SER A 720 -23.27 2.72 21.77
CA SER A 720 -22.57 3.60 22.70
C SER A 720 -21.22 3.07 23.23
N MET A 721 -21.17 1.80 23.63
CA MET A 721 -19.93 1.24 24.15
C MET A 721 -18.88 1.16 23.05
N GLY A 722 -19.32 0.78 21.85
CA GLY A 722 -18.44 0.68 20.71
C GLY A 722 -17.80 2.00 20.37
N ARG A 723 -18.62 3.04 20.23
CA ARG A 723 -18.12 4.37 19.93
C ARG A 723 -17.13 4.84 20.99
N ALA A 724 -17.48 4.66 22.25
CA ALA A 724 -16.61 5.07 23.35
C ALA A 724 -15.25 4.41 23.18
N ILE A 725 -15.27 3.13 22.86
CA ILE A 725 -14.03 2.35 22.67
C ILE A 725 -13.24 2.85 21.45
N LYS A 726 -13.91 3.04 20.33
CA LYS A 726 -13.20 3.53 19.15
C LYS A 726 -12.63 4.92 19.42
N LEU A 727 -13.42 5.77 20.05
CA LEU A 727 -12.94 7.12 20.36
C LEU A 727 -11.75 7.06 21.30
N THR A 728 -11.74 6.07 22.20
CA THR A 728 -10.65 5.94 23.14
C THR A 728 -9.35 5.69 22.38
N HIS A 729 -9.31 4.63 21.59
CA HIS A 729 -8.11 4.29 20.83
C HIS A 729 -7.65 5.41 19.91
N TRP A 730 -8.57 5.99 19.14
CA TRP A 730 -8.21 7.06 18.22
C TRP A 730 -7.66 8.29 18.94
N MET A 731 -8.41 8.81 19.91
CA MET A 731 -7.97 9.98 20.65
C MET A 731 -6.63 9.71 21.33
N GLU A 732 -6.45 8.51 21.86
CA GLU A 732 -5.18 8.18 22.51
C GLU A 732 -4.04 8.09 21.51
N LEU A 733 -4.29 7.44 20.36
CA LEU A 733 -3.25 7.29 19.35
C LEU A 733 -2.89 8.62 18.73
N HIS A 734 -3.86 9.52 18.63
CA HIS A 734 -3.62 10.82 18.05
C HIS A 734 -2.69 11.62 18.97
N LYS A 735 -2.90 11.47 20.28
CA LYS A 735 -2.09 12.18 21.26
C LYS A 735 -0.68 11.59 21.31
N LYS A 736 -0.59 10.28 21.20
CA LYS A 736 0.69 9.57 21.25
C LYS A 736 1.61 9.83 20.06
N TYR A 737 1.03 9.94 18.88
CA TYR A 737 1.82 10.12 17.67
C TYR A 737 1.78 11.50 17.04
N LEU A 738 0.85 12.33 17.45
CA LEU A 738 0.77 13.64 16.84
C LEU A 738 0.81 14.85 17.76
N GLY A 739 1.68 14.84 18.77
CA GLY A 739 1.82 16.02 19.61
C GLY A 739 1.29 16.10 21.04
N GLY A 740 0.54 15.11 21.49
CA GLY A 740 0.03 15.09 22.85
C GLY A 740 -1.31 15.74 23.11
N LYS A 741 -1.83 16.46 22.13
CA LYS A 741 -3.11 17.10 22.28
C LYS A 741 -4.18 16.26 21.59
N GLU A 742 -5.42 16.46 22.00
CA GLU A 742 -6.56 15.74 21.44
C GLU A 742 -6.92 16.17 20.03
N PRO A 743 -7.58 15.29 19.27
CA PRO A 743 -7.98 15.61 17.91
C PRO A 743 -8.98 16.77 17.99
N GLU A 744 -8.74 17.82 17.21
CA GLU A 744 -9.61 18.99 17.22
C GLU A 744 -11.09 18.67 16.99
N ASP A 745 -11.36 17.63 16.21
CA ASP A 745 -12.72 17.26 15.88
C ASP A 745 -13.31 16.08 16.66
N TRP A 746 -12.65 15.67 17.73
CA TRP A 746 -13.14 14.53 18.51
C TRP A 746 -14.61 14.63 18.89
N TRP A 747 -15.06 15.86 19.17
CA TRP A 747 -16.44 16.11 19.59
C TRP A 747 -17.51 15.84 18.53
N LYS A 748 -17.09 15.74 17.27
CA LYS A 748 -18.02 15.50 16.17
C LYS A 748 -18.63 14.10 16.16
N PHE A 749 -18.05 13.22 16.97
CA PHE A 749 -18.50 11.83 17.04
C PHE A 749 -19.18 11.46 18.34
N VAL A 750 -19.70 12.47 19.05
CA VAL A 750 -20.38 12.25 20.32
C VAL A 750 -21.87 12.52 20.22
N ARG A 751 -22.69 11.49 20.43
CA ARG A 751 -24.14 11.62 20.38
C ARG A 751 -24.69 11.81 21.79
N THR A 752 -24.09 11.13 22.77
CA THR A 752 -24.53 11.22 24.15
C THR A 752 -23.35 10.97 25.07
N GLU A 753 -23.51 11.28 26.35
CA GLU A 753 -22.43 11.07 27.29
C GLU A 753 -21.85 9.66 27.24
N ALA A 754 -22.66 8.68 26.87
CA ALA A 754 -22.20 7.29 26.80
C ALA A 754 -21.20 6.99 25.67
N ASP A 755 -21.02 7.93 24.74
CA ASP A 755 -20.07 7.74 23.63
C ASP A 755 -18.68 8.15 24.08
N LEU A 756 -18.62 8.83 25.23
CA LEU A 756 -17.37 9.32 25.79
C LEU A 756 -16.48 8.27 26.44
N PRO A 757 -15.17 8.33 26.18
CA PRO A 757 -14.20 7.40 26.75
C PRO A 757 -14.42 7.40 28.26
N LEU A 758 -14.63 6.21 28.83
CA LEU A 758 -14.90 6.08 30.26
C LEU A 758 -13.90 6.62 31.26
N ALA A 759 -12.62 6.44 31.00
CA ALA A 759 -11.61 6.91 31.95
C ALA A 759 -11.50 8.42 32.09
N THR A 760 -11.74 9.13 31.00
CA THR A 760 -11.64 10.58 30.97
C THR A 760 -12.98 11.25 30.71
N ARG A 761 -14.05 10.53 30.97
CA ARG A 761 -15.39 11.05 30.73
C ARG A 761 -15.65 12.38 31.44
N GLU A 762 -15.09 12.54 32.63
CA GLU A 762 -15.26 13.77 33.40
C GLU A 762 -14.67 14.96 32.65
N ALA A 763 -13.36 14.94 32.48
CA ALA A 763 -12.66 16.01 31.79
C ALA A 763 -13.29 16.34 30.44
N LEU A 764 -13.69 15.30 29.69
CA LEU A 764 -14.31 15.49 28.38
C LEU A 764 -15.63 16.27 28.45
N LEU A 765 -16.47 15.92 29.42
CA LEU A 765 -17.75 16.62 29.58
C LEU A 765 -17.46 18.09 29.84
N LYS A 766 -16.35 18.36 30.53
CA LYS A 766 -15.94 19.73 30.83
C LYS A 766 -15.65 20.46 29.53
N GLU A 767 -14.80 19.84 28.69
CA GLU A 767 -14.43 20.44 27.42
C GLU A 767 -15.64 20.74 26.54
N LEU A 768 -16.59 19.82 26.51
CA LEU A 768 -17.79 20.01 25.69
C LEU A 768 -18.55 21.26 26.17
N GLU A 769 -18.67 21.40 27.49
CA GLU A 769 -19.35 22.55 28.06
C GLU A 769 -18.48 23.78 27.86
N LYS A 770 -17.23 23.68 28.32
CA LYS A 770 -16.25 24.75 28.24
C LYS A 770 -15.96 25.28 26.84
N GLU A 771 -15.32 24.48 26.00
CA GLU A 771 -14.98 24.93 24.65
C GLU A 771 -16.01 24.72 23.55
N HIS A 772 -17.20 24.22 23.88
CA HIS A 772 -18.21 24.03 22.85
C HIS A 772 -19.59 24.56 23.23
N GLY A 773 -19.81 24.82 24.51
CA GLY A 773 -21.08 25.35 24.95
C GLY A 773 -22.23 24.38 25.13
N TRP A 774 -21.93 23.10 25.24
CA TRP A 774 -22.95 22.08 25.42
C TRP A 774 -23.51 22.17 26.84
N GLU A 775 -24.79 21.87 27.00
CA GLU A 775 -25.44 21.90 28.31
C GLU A 775 -25.29 20.57 29.02
N ILE A 776 -24.64 20.58 30.18
CA ILE A 776 -24.43 19.35 30.93
C ILE A 776 -25.24 19.27 32.21
N ASP A 777 -25.62 18.04 32.58
CA ASP A 777 -26.34 17.79 33.81
C ASP A 777 -25.30 17.13 34.72
N TRP A 778 -24.59 17.96 35.48
CA TRP A 778 -23.54 17.47 36.37
C TRP A 778 -23.97 16.56 37.50
N LYS A 779 -25.28 16.36 37.67
CA LYS A 779 -25.75 15.50 38.74
C LYS A 779 -25.58 14.05 38.31
N ARG A 780 -26.11 13.73 37.13
CA ARG A 780 -25.99 12.37 36.60
C ARG A 780 -24.86 12.34 35.57
N LYS A 781 -24.25 13.49 35.34
CA LYS A 781 -23.16 13.64 34.39
C LYS A 781 -23.52 13.14 32.98
N LYS A 782 -24.45 13.84 32.34
CA LYS A 782 -24.87 13.47 31.00
C LYS A 782 -25.04 14.73 30.16
N ILE A 783 -25.27 14.56 28.85
CA ILE A 783 -25.41 15.68 27.94
C ILE A 783 -26.87 16.06 27.70
N ILE A 784 -27.16 17.35 27.87
CA ILE A 784 -28.50 17.89 27.70
C ILE A 784 -28.69 18.45 26.30
N SER A 785 -27.69 19.16 25.82
CA SER A 785 -27.75 19.76 24.51
C SER A 785 -26.37 19.91 23.91
N GLY A 786 -26.30 19.94 22.57
CA GLY A 786 -25.02 20.07 21.90
C GLY A 786 -24.85 19.18 20.68
N PRO A 787 -25.01 17.85 20.83
CA PRO A 787 -24.87 16.92 19.71
C PRO A 787 -25.82 17.23 18.56
N LYS A 788 -25.30 17.25 17.34
CA LYS A 788 -26.13 17.52 16.17
C LYS A 788 -26.69 16.21 15.63
N ILE A 789 -26.15 15.10 16.11
CA ILE A 789 -26.59 13.77 15.71
C ILE A 789 -27.07 13.01 16.95
N LYS A 790 -28.29 12.52 16.90
CA LYS A 790 -28.81 11.80 18.06
C LYS A 790 -28.53 10.31 17.99
N PHE A 791 -28.59 9.67 19.15
CA PHE A 791 -28.40 8.24 19.22
C PHE A 791 -29.78 7.63 19.00
N ASP A 792 -29.86 6.62 18.15
CA ASP A 792 -31.12 5.93 17.89
C ASP A 792 -30.78 4.48 17.56
N VAL A 793 -30.99 3.62 18.53
CA VAL A 793 -30.70 2.20 18.42
C VAL A 793 -31.41 1.49 17.28
N SER A 794 -32.55 2.02 16.86
CA SER A 794 -33.29 1.38 15.79
C SER A 794 -33.10 2.00 14.42
N ALA A 795 -32.24 3.01 14.29
CA ALA A 795 -32.03 3.64 12.99
C ALA A 795 -31.37 2.69 11.98
N GLN A 796 -31.73 2.83 10.70
CA GLN A 796 -31.17 1.99 9.64
C GLN A 796 -30.49 2.85 8.55
N PRO A 797 -29.33 3.41 8.85
CA PRO A 797 -28.61 4.24 7.88
C PRO A 797 -28.21 3.51 6.60
N THR A 798 -28.56 4.12 5.46
CA THR A 798 -28.24 3.55 4.17
C THR A 798 -28.16 4.67 3.13
N ASN A 799 -27.29 4.48 2.14
CA ASN A 799 -27.10 5.43 1.06
C ASN A 799 -28.00 5.04 -0.12
N LEU A 800 -28.72 3.94 0.05
CA LEU A 800 -29.60 3.43 -0.99
C LEU A 800 -31.06 3.65 -0.68
N LYS A 801 -31.68 4.58 -1.41
CA LYS A 801 -33.08 4.91 -1.20
C LYS A 801 -33.98 3.69 -1.40
N ARG A 802 -33.68 2.88 -2.41
CA ARG A 802 -34.48 1.70 -2.72
C ARG A 802 -34.62 0.70 -1.56
N LEU A 803 -33.77 0.82 -0.54
CA LEU A 803 -33.87 -0.09 0.59
C LEU A 803 -34.74 0.47 1.71
N CYS A 804 -35.20 1.70 1.54
CA CYS A 804 -36.03 2.34 2.54
C CYS A 804 -37.52 2.00 2.42
N LYS A 805 -38.24 2.09 3.53
CA LYS A 805 -39.68 1.88 3.53
C LYS A 805 -40.20 3.31 3.39
N GLU A 806 -40.85 3.60 2.26
CA GLU A 806 -41.37 4.94 1.99
C GLU A 806 -42.81 5.13 2.48
N VAL B 2 23.75 33.07 -0.43
CA VAL B 2 23.74 31.78 -1.18
C VAL B 2 22.93 31.89 -2.47
N ASP B 3 23.50 31.33 -3.53
CA ASP B 3 22.86 31.30 -4.83
C ASP B 3 21.95 30.08 -4.82
N THR B 4 20.63 30.30 -4.80
CA THR B 4 19.69 29.18 -4.78
C THR B 4 19.00 28.96 -6.13
N THR B 5 19.55 29.52 -7.20
CA THR B 5 18.92 29.40 -8.51
C THR B 5 19.76 28.77 -9.64
N LYS B 6 21.01 28.42 -9.37
CA LYS B 6 21.86 27.85 -10.41
C LYS B 6 21.58 26.40 -10.80
N ASN B 7 21.07 25.60 -9.86
CA ASN B 7 20.81 24.19 -10.16
C ASN B 7 19.33 23.82 -10.15
N THR B 8 18.78 23.55 -11.33
CA THR B 8 17.38 23.16 -11.43
C THR B 8 17.24 21.79 -12.11
N LYS B 9 18.24 20.92 -11.92
CA LYS B 9 18.21 19.59 -12.51
C LYS B 9 17.04 18.78 -11.96
N LEU B 10 16.53 17.88 -12.79
CA LEU B 10 15.43 17.00 -12.43
C LEU B 10 15.77 15.62 -12.97
N PHE B 11 15.30 14.58 -12.30
CA PHE B 11 15.54 13.21 -12.77
C PHE B 11 14.50 12.93 -13.84
N THR B 12 13.25 13.26 -13.53
CA THR B 12 12.15 13.10 -14.48
C THR B 12 11.35 14.40 -14.46
N SER B 13 10.52 14.60 -15.48
CA SER B 13 9.73 15.82 -15.60
C SER B 13 8.25 15.54 -15.74
N TYR B 14 7.42 16.44 -15.21
CA TYR B 14 5.98 16.31 -15.32
C TYR B 14 5.56 16.89 -16.68
N GLY B 15 6.48 17.59 -17.33
CA GLY B 15 6.19 18.23 -18.61
C GLY B 15 6.87 19.57 -18.80
N VAL B 16 6.36 20.37 -19.74
CA VAL B 16 6.96 21.67 -20.05
C VAL B 16 6.82 22.75 -18.98
N ASN B 17 5.83 22.62 -18.11
CA ASN B 17 5.62 23.60 -17.05
C ASN B 17 6.43 23.31 -15.78
N THR B 18 7.28 24.25 -15.38
CA THR B 18 8.07 24.03 -14.18
C THR B 18 8.18 25.32 -13.37
N SER B 19 8.53 25.19 -12.09
CA SER B 19 8.63 26.34 -11.22
C SER B 19 9.77 27.29 -11.55
N LYS B 20 9.58 28.55 -11.19
CA LYS B 20 10.59 29.58 -11.39
C LYS B 20 11.50 29.49 -10.17
N ALA B 21 12.80 29.43 -10.40
CA ALA B 21 13.75 29.37 -9.29
C ALA B 21 13.90 30.77 -8.68
N VAL B 22 13.78 30.86 -7.36
CA VAL B 22 13.89 32.15 -6.69
C VAL B 22 15.05 32.17 -5.71
N SER B 23 15.55 33.37 -5.40
CA SER B 23 16.64 33.54 -4.44
C SER B 23 16.04 33.63 -3.04
N PRO B 24 16.88 33.62 -1.99
CA PRO B 24 16.36 33.72 -0.62
C PRO B 24 15.64 35.06 -0.40
N GLU B 25 16.14 36.12 -1.01
CA GLU B 25 15.54 37.45 -0.88
C GLU B 25 14.26 37.58 -1.69
N MET B 26 14.20 36.90 -2.83
CA MET B 26 12.99 36.98 -3.62
C MET B 26 11.88 36.25 -2.86
N ALA B 27 12.21 35.09 -2.31
CA ALA B 27 11.25 34.29 -1.55
C ALA B 27 10.76 35.09 -0.34
N ALA B 28 11.66 35.81 0.30
CA ALA B 28 11.29 36.61 1.47
C ALA B 28 10.27 37.68 1.09
N LYS B 29 10.51 38.37 -0.02
CA LYS B 29 9.61 39.41 -0.49
C LYS B 29 8.26 38.87 -0.92
N ILE B 30 8.27 37.71 -1.56
CA ILE B 30 7.03 37.07 -2.01
C ILE B 30 6.17 36.68 -0.82
N ILE B 31 6.83 36.17 0.20
CA ILE B 31 6.16 35.73 1.41
C ILE B 31 5.61 36.89 2.24
N SER B 32 6.38 37.97 2.34
CA SER B 32 5.94 39.14 3.11
C SER B 32 4.74 39.83 2.47
N LYS B 33 4.66 39.75 1.14
CA LYS B 33 3.56 40.38 0.42
C LYS B 33 2.25 39.61 0.54
N ALA B 34 2.32 38.34 0.88
CA ALA B 34 1.11 37.53 0.99
C ALA B 34 0.19 38.04 2.10
N LYS B 35 -1.11 38.11 1.82
CA LYS B 35 -2.08 38.59 2.80
C LYS B 35 -2.46 37.48 3.78
N ARG B 36 -2.58 36.25 3.28
CA ARG B 36 -2.96 35.12 4.12
C ARG B 36 -2.14 33.89 3.73
N PRO B 37 -0.86 33.87 4.14
CA PRO B 37 0.02 32.75 3.84
C PRO B 37 -0.16 31.55 4.77
N LEU B 38 0.27 30.38 4.30
CA LEU B 38 0.19 29.16 5.06
C LEU B 38 1.51 28.43 4.93
N LEU B 39 2.03 27.97 6.06
CA LEU B 39 3.27 27.23 6.06
C LEU B 39 2.90 25.75 6.13
N MET B 40 3.05 25.04 5.00
CA MET B 40 2.73 23.62 4.90
C MET B 40 3.98 22.80 5.18
N VAL B 41 4.03 22.17 6.35
CA VAL B 41 5.21 21.41 6.79
C VAL B 41 5.10 19.88 6.67
N GLY B 42 6.14 19.29 6.08
CA GLY B 42 6.20 17.85 5.92
C GLY B 42 7.03 17.24 7.05
N THR B 43 7.29 15.93 6.97
CA THR B 43 8.03 15.23 8.01
C THR B 43 9.24 14.44 7.51
N LEU B 44 9.07 13.72 6.40
CA LEU B 44 10.16 12.88 5.88
C LEU B 44 11.51 13.51 5.55
N ALA B 45 11.52 14.80 5.19
CA ALA B 45 12.78 15.47 4.88
C ALA B 45 13.06 16.55 5.93
N LEU B 46 12.25 16.56 6.99
CA LEU B 46 12.40 17.54 8.06
C LEU B 46 13.42 17.08 9.10
N ASP B 47 14.52 17.80 9.25
CA ASP B 47 15.50 17.42 10.27
C ASP B 47 15.46 18.46 11.39
N PRO B 48 16.22 18.23 12.47
CA PRO B 48 16.22 19.19 13.59
C PRO B 48 16.58 20.62 13.18
N GLU B 49 17.55 20.74 12.27
CA GLU B 49 17.99 22.05 11.79
C GLU B 49 16.88 22.75 11.02
N LEU B 50 16.17 22.01 10.18
CA LEU B 50 15.07 22.59 9.42
C LEU B 50 13.93 22.93 10.34
N LEU B 51 13.70 22.09 11.35
CA LEU B 51 12.63 22.33 12.31
C LEU B 51 12.84 23.69 12.97
N ASP B 52 14.07 23.98 13.37
CA ASP B 52 14.35 25.26 14.02
C ASP B 52 14.03 26.42 13.08
N ARG B 53 14.36 26.26 11.81
CA ARG B 53 14.13 27.31 10.84
C ARG B 53 12.65 27.46 10.49
N VAL B 54 11.92 26.36 10.53
CA VAL B 54 10.49 26.40 10.24
C VAL B 54 9.83 27.25 11.32
N VAL B 55 10.28 27.07 12.57
CA VAL B 55 9.73 27.82 13.69
C VAL B 55 10.03 29.32 13.54
N LYS B 56 11.28 29.66 13.19
CA LYS B 56 11.64 31.07 13.04
C LYS B 56 10.91 31.78 11.91
N ILE B 57 10.64 31.05 10.83
CA ILE B 57 9.93 31.63 9.69
C ILE B 57 8.47 31.91 10.09
N SER B 58 7.86 30.94 10.78
CA SER B 58 6.49 31.09 11.21
C SER B 58 6.35 32.34 12.08
N LYS B 59 7.28 32.51 13.02
CA LYS B 59 7.30 33.63 13.94
C LYS B 59 7.66 34.97 13.31
N ALA B 60 8.74 34.97 12.52
CA ALA B 60 9.22 36.19 11.86
C ALA B 60 8.20 36.77 10.90
N ALA B 61 7.39 35.90 10.30
CA ALA B 61 6.38 36.37 9.36
C ALA B 61 4.98 36.18 9.93
N ASN B 62 4.89 35.56 11.10
CA ASN B 62 3.61 35.32 11.76
C ASN B 62 2.70 34.49 10.85
N ILE B 63 3.23 33.39 10.33
CA ILE B 63 2.50 32.51 9.43
C ILE B 63 1.96 31.26 10.12
N PRO B 64 0.64 31.01 10.03
CA PRO B 64 0.11 29.82 10.67
C PRO B 64 0.73 28.58 10.03
N ILE B 65 0.79 27.49 10.78
CA ILE B 65 1.39 26.29 10.25
C ILE B 65 0.44 25.12 10.10
N ALA B 66 0.51 24.48 8.94
CA ALA B 66 -0.29 23.31 8.67
C ALA B 66 0.72 22.17 8.90
N ALA B 67 0.64 21.53 10.04
CA ALA B 67 1.54 20.44 10.36
C ALA B 67 1.05 19.13 9.73
N THR B 68 1.60 18.78 8.56
CA THR B 68 1.17 17.54 7.87
C THR B 68 2.01 16.34 8.32
N GLY B 69 1.65 15.14 7.87
CA GLY B 69 2.37 13.95 8.28
C GLY B 69 2.33 13.88 9.79
N SER B 70 3.47 13.66 10.41
CA SER B 70 3.53 13.61 11.87
C SER B 70 4.44 14.71 12.39
N SER B 71 4.52 15.81 11.64
CA SER B 71 5.35 16.94 12.01
C SER B 71 4.87 17.57 13.31
N LEU B 72 3.57 17.51 13.57
CA LEU B 72 3.04 18.10 14.79
C LEU B 72 3.67 17.43 16.00
N ALA B 73 4.26 16.24 15.79
CA ALA B 73 4.90 15.53 16.91
C ALA B 73 6.01 16.37 17.53
N VAL B 74 6.79 17.04 16.68
CA VAL B 74 7.89 17.86 17.14
C VAL B 74 7.55 19.35 17.24
N LEU B 75 6.52 19.79 16.50
CA LEU B 75 6.09 21.19 16.53
C LEU B 75 5.24 21.50 17.76
N ALA B 76 4.65 20.45 18.32
CA ALA B 76 3.78 20.60 19.49
C ALA B 76 4.49 21.22 20.68
N ASP B 77 5.74 20.84 20.90
CA ASP B 77 6.47 21.38 22.03
C ASP B 77 7.25 22.64 21.65
N LYS B 78 6.78 23.32 20.61
CA LYS B 78 7.41 24.55 20.12
C LYS B 78 6.38 25.67 20.19
N ASP B 79 6.86 26.91 20.38
CA ASP B 79 5.95 28.04 20.48
C ASP B 79 5.50 28.57 19.12
N VAL B 80 4.61 27.80 18.47
CA VAL B 80 4.08 28.16 17.18
C VAL B 80 2.61 27.77 17.05
N ASP B 81 1.95 28.36 16.07
CA ASP B 81 0.54 28.08 15.79
C ASP B 81 0.51 27.01 14.71
N ALA B 82 0.48 25.75 15.15
CA ALA B 82 0.46 24.63 14.23
C ALA B 82 -0.79 23.78 14.48
N LYS B 83 -1.37 23.25 13.41
CA LYS B 83 -2.54 22.40 13.53
C LYS B 83 -2.37 21.25 12.56
N TYR B 84 -2.74 20.04 12.98
CA TYR B 84 -2.60 18.88 12.12
C TYR B 84 -3.62 18.79 10.99
N ILE B 85 -3.12 18.40 9.82
CA ILE B 85 -3.96 18.14 8.66
C ILE B 85 -3.17 17.27 7.69
N ASN B 86 -3.82 16.24 7.16
CA ASN B 86 -3.18 15.35 6.20
C ASN B 86 -2.84 16.14 4.94
N ALA B 87 -1.66 15.90 4.39
CA ALA B 87 -1.21 16.61 3.20
C ALA B 87 -2.09 16.40 1.95
N HIS B 88 -2.53 15.17 1.73
CA HIS B 88 -3.36 14.87 0.58
C HIS B 88 -4.68 15.60 0.70
N MET B 89 -5.27 15.57 1.89
CA MET B 89 -6.52 16.27 2.15
C MET B 89 -6.28 17.77 1.97
N LEU B 90 -5.22 18.29 2.55
CA LEU B 90 -4.92 19.72 2.41
C LEU B 90 -4.77 20.12 0.94
N GLY B 91 -4.04 19.32 0.17
CA GLY B 91 -3.84 19.60 -1.25
C GLY B 91 -5.14 19.69 -2.02
N PHE B 92 -6.11 18.90 -1.57
CA PHE B 92 -7.43 18.86 -2.17
C PHE B 92 -8.20 20.11 -1.72
N TYR B 93 -8.30 20.30 -0.40
CA TYR B 93 -9.03 21.43 0.15
C TYR B 93 -8.54 22.80 -0.37
N LEU B 94 -7.23 22.97 -0.49
CA LEU B 94 -6.69 24.22 -0.99
C LEU B 94 -7.25 24.56 -2.37
N THR B 95 -7.78 23.58 -3.08
CA THR B 95 -8.32 23.85 -4.41
C THR B 95 -9.79 24.23 -4.38
N ASP B 96 -10.36 24.23 -3.17
CA ASP B 96 -11.77 24.60 -3.01
C ASP B 96 -11.88 26.03 -2.49
N PRO B 97 -12.31 26.96 -3.35
CA PRO B 97 -12.45 28.36 -2.94
C PRO B 97 -13.27 28.54 -1.67
N LYS B 98 -14.24 27.65 -1.46
CA LYS B 98 -15.12 27.75 -0.29
C LYS B 98 -14.62 27.09 0.99
N TRP B 99 -13.40 26.56 0.98
CA TRP B 99 -12.87 25.93 2.19
C TRP B 99 -12.66 26.97 3.30
N PRO B 100 -13.23 26.74 4.49
CA PRO B 100 -13.08 27.69 5.59
C PRO B 100 -11.65 27.78 6.11
N GLY B 101 -10.79 26.85 5.68
CA GLY B 101 -9.42 26.86 6.13
C GLY B 101 -9.28 26.27 7.51
N LEU B 102 -8.06 26.29 8.04
CA LEU B 102 -7.76 25.73 9.37
C LEU B 102 -8.30 26.54 10.56
N ASP B 103 -8.44 27.85 10.41
CA ASP B 103 -8.95 28.65 11.52
C ASP B 103 -10.38 29.09 11.27
N GLY B 104 -10.95 28.64 10.14
CA GLY B 104 -12.33 28.98 9.80
C GLY B 104 -12.46 30.27 9.03
N ASN B 105 -11.37 31.00 8.87
CA ASN B 105 -11.43 32.27 8.16
C ASN B 105 -11.15 32.23 6.67
N GLY B 106 -11.31 31.08 6.04
CA GLY B 106 -11.11 31.00 4.61
C GLY B 106 -9.81 30.38 4.10
N ASN B 107 -9.64 30.42 2.77
CA ASN B 107 -8.46 29.87 2.14
C ASN B 107 -7.25 30.81 2.25
N TYR B 108 -6.16 30.41 1.61
CA TYR B 108 -4.91 31.15 1.68
C TYR B 108 -4.46 31.67 0.32
N ASP B 109 -3.56 32.65 0.31
CA ASP B 109 -3.08 33.21 -0.95
C ASP B 109 -1.61 32.91 -1.26
N MET B 110 -0.98 32.12 -0.40
CA MET B 110 0.42 31.74 -0.59
C MET B 110 0.75 30.54 0.29
N ILE B 111 1.12 29.42 -0.34
CA ILE B 111 1.47 28.22 0.38
C ILE B 111 3.00 28.06 0.34
N ILE B 112 3.60 27.87 1.51
CA ILE B 112 5.04 27.71 1.62
C ILE B 112 5.31 26.27 2.04
N THR B 113 5.97 25.51 1.18
CA THR B 113 6.24 24.11 1.50
C THR B 113 7.67 23.81 1.93
N ILE B 114 7.81 22.97 2.95
CA ILE B 114 9.13 22.60 3.45
C ILE B 114 9.10 21.34 4.29
N GLY B 115 10.15 20.53 4.17
CA GLY B 115 10.25 19.29 4.93
C GLY B 115 9.70 18.05 4.26
N PHE B 116 9.36 18.15 2.98
CA PHE B 116 8.82 17.01 2.24
C PHE B 116 9.82 16.33 1.33
N LYS B 117 9.54 15.08 1.01
CA LYS B 117 10.35 14.35 0.04
C LYS B 117 9.86 15.01 -1.25
N LYS B 118 10.71 15.13 -2.27
CA LYS B 118 10.27 15.81 -3.49
C LYS B 118 9.10 15.11 -4.23
N PHE B 119 9.12 13.78 -4.31
CA PHE B 119 8.08 13.07 -5.02
C PHE B 119 6.69 13.23 -4.42
N TYR B 120 6.60 13.33 -3.10
CA TYR B 120 5.30 13.45 -2.46
C TYR B 120 4.70 14.84 -2.63
N ILE B 121 5.48 15.88 -2.35
CA ILE B 121 4.97 17.23 -2.49
C ILE B 121 4.68 17.56 -3.96
N ASN B 122 5.48 17.04 -4.88
CA ASN B 122 5.22 17.29 -6.30
C ASN B 122 3.86 16.71 -6.66
N GLN B 123 3.52 15.55 -6.09
CA GLN B 123 2.23 14.94 -6.40
C GLN B 123 1.08 15.74 -5.77
N VAL B 124 1.18 16.04 -4.48
CA VAL B 124 0.13 16.80 -3.79
C VAL B 124 -0.06 18.14 -4.49
N LEU B 125 1.05 18.75 -4.88
CA LEU B 125 1.01 20.04 -5.56
C LEU B 125 0.50 19.99 -7.00
N SER B 126 0.48 18.80 -7.59
CA SER B 126 0.03 18.66 -8.98
C SER B 126 -1.43 19.09 -9.12
N ALA B 127 -2.22 18.91 -8.05
CA ALA B 127 -3.62 19.33 -8.07
C ALA B 127 -3.76 20.85 -8.17
N ALA B 128 -3.18 21.58 -7.21
CA ALA B 128 -3.25 23.04 -7.21
C ALA B 128 -2.64 23.64 -8.51
N LYS B 129 -1.56 23.04 -8.97
CA LYS B 129 -0.87 23.50 -10.19
C LYS B 129 -1.78 23.52 -11.43
N ASN B 130 -2.55 22.45 -11.60
CA ASN B 130 -3.44 22.34 -12.76
C ASN B 130 -4.88 22.75 -12.57
N PHE B 131 -5.35 22.71 -11.32
CA PHE B 131 -6.75 23.03 -11.03
C PHE B 131 -7.02 24.21 -10.12
N SER B 132 -6.07 25.12 -10.02
CA SER B 132 -6.29 26.29 -9.18
C SER B 132 -5.33 27.38 -9.63
N ASN B 133 -5.51 28.59 -9.11
CA ASN B 133 -4.61 29.67 -9.43
C ASN B 133 -3.87 30.03 -8.15
N LEU B 134 -3.79 29.06 -7.24
CA LEU B 134 -3.10 29.23 -5.96
C LEU B 134 -1.59 29.32 -6.18
N LYS B 135 -0.94 30.26 -5.50
CA LYS B 135 0.50 30.42 -5.61
C LYS B 135 1.16 29.61 -4.52
N THR B 136 2.25 28.92 -4.86
CA THR B 136 2.98 28.10 -3.90
C THR B 136 4.50 28.36 -4.02
N ILE B 137 5.20 28.30 -2.91
CA ILE B 137 6.64 28.49 -2.94
C ILE B 137 7.36 27.44 -2.10
N ALA B 138 8.15 26.61 -2.79
CA ALA B 138 8.90 25.54 -2.16
C ALA B 138 10.25 26.07 -1.70
N ILE B 139 10.62 25.79 -0.45
CA ILE B 139 11.91 26.20 0.06
C ILE B 139 12.63 25.01 0.66
N GLU B 140 12.72 23.95 -0.14
CA GLU B 140 13.38 22.70 0.22
C GLU B 140 14.83 22.76 -0.25
N ARG B 141 15.60 21.71 -0.01
CA ARG B 141 16.98 21.68 -0.50
C ARG B 141 16.96 21.12 -1.93
N GLY B 142 15.76 20.80 -2.40
CA GLY B 142 15.62 20.27 -3.74
C GLY B 142 14.75 21.11 -4.63
N TYR B 143 15.05 21.12 -5.92
CA TYR B 143 14.25 21.88 -6.88
C TYR B 143 12.89 21.19 -7.02
N ILE B 144 11.81 21.93 -6.78
CA ILE B 144 10.47 21.36 -6.88
C ILE B 144 9.76 21.84 -8.14
N GLN B 145 9.58 20.94 -9.10
CA GLN B 145 8.96 21.31 -10.35
C GLN B 145 7.55 21.86 -10.25
N ASN B 146 6.69 21.22 -9.46
CA ASN B 146 5.29 21.66 -9.39
C ASN B 146 4.86 22.83 -8.50
N ALA B 147 5.83 23.55 -7.92
CA ALA B 147 5.52 24.71 -7.13
C ALA B 147 5.46 25.89 -8.10
N THR B 148 4.92 27.03 -7.67
CA THR B 148 4.87 28.20 -8.56
C THR B 148 6.33 28.66 -8.68
N MET B 149 7.01 28.66 -7.54
CA MET B 149 8.41 29.02 -7.49
C MET B 149 9.13 28.13 -6.48
N SER B 150 10.44 28.03 -6.62
CA SER B 150 11.18 27.13 -5.75
C SER B 150 12.66 27.43 -5.67
N PHE B 151 13.29 26.93 -4.61
CA PHE B 151 14.74 27.05 -4.51
C PHE B 151 15.19 25.99 -5.50
N GLY B 152 16.46 26.05 -5.91
CA GLY B 152 16.99 25.03 -6.79
C GLY B 152 17.58 23.95 -5.89
N ASN B 153 18.28 22.98 -6.47
CA ASN B 153 18.89 21.92 -5.66
C ASN B 153 20.05 22.54 -4.86
N LEU B 154 20.13 22.19 -3.59
CA LEU B 154 21.14 22.73 -2.68
C LEU B 154 21.77 21.68 -1.79
N SER B 155 23.02 21.91 -1.40
CA SER B 155 23.71 21.02 -0.49
C SER B 155 22.97 21.29 0.82
N LYS B 156 23.05 20.39 1.79
CA LYS B 156 22.36 20.62 3.05
C LYS B 156 22.80 21.95 3.67
N ALA B 157 24.11 22.16 3.75
CA ALA B 157 24.65 23.40 4.32
C ALA B 157 24.11 24.64 3.60
N ASP B 158 24.14 24.63 2.28
CA ASP B 158 23.63 25.78 1.54
C ASP B 158 22.15 26.00 1.83
N HIS B 159 21.42 24.91 2.02
CA HIS B 159 20.00 25.00 2.32
C HIS B 159 19.84 25.77 3.64
N TYR B 160 20.54 25.32 4.68
CA TYR B 160 20.50 25.97 5.99
C TYR B 160 20.86 27.45 5.89
N ALA B 161 21.84 27.75 5.04
CA ALA B 161 22.29 29.12 4.86
C ALA B 161 21.23 29.94 4.16
N ALA B 162 20.65 29.37 3.10
CA ALA B 162 19.63 30.06 2.34
C ALA B 162 18.43 30.37 3.22
N LEU B 163 18.02 29.41 4.04
CA LEU B 163 16.86 29.65 4.91
C LEU B 163 17.16 30.75 5.93
N ASP B 164 18.42 30.84 6.37
CA ASP B 164 18.81 31.87 7.32
C ASP B 164 18.79 33.25 6.66
N GLU B 165 19.16 33.29 5.38
CA GLU B 165 19.15 34.54 4.63
C GLU B 165 17.71 34.99 4.43
N LEU B 166 16.83 34.03 4.15
CA LEU B 166 15.41 34.31 3.96
C LEU B 166 14.82 34.88 5.25
N ILE B 167 15.10 34.22 6.36
CA ILE B 167 14.61 34.63 7.67
C ILE B 167 15.09 36.06 8.01
N ASN B 168 16.33 36.35 7.64
CA ASN B 168 16.89 37.67 7.92
C ASN B 168 16.26 38.73 7.05
N ALA B 169 15.51 38.31 6.04
CA ALA B 169 14.87 39.23 5.11
C ALA B 169 13.38 39.38 5.35
N LEU B 170 12.84 38.61 6.29
CA LEU B 170 11.40 38.70 6.58
C LEU B 170 11.12 39.84 7.57
FE3 SF4 C . 3.47 9.63 -21.52
FE4 SF4 C . 3.92 11.55 -19.64
S1 SF4 C . 2.21 9.98 -19.65
S2 SF4 C . 4.38 11.72 -21.92
FE1 SF4 D . -4.25 11.27 -25.53
FE2 SF4 D . -4.58 10.87 -28.20
FE3 SF4 D . -4.09 13.37 -27.15
FE4 SF4 D . -6.52 12.20 -26.72
S1 SF4 D . -5.62 12.87 -28.76
S2 SF4 D . -5.30 13.35 -25.16
S3 SF4 D . -5.85 9.96 -26.51
S4 SF4 D . -2.62 11.57 -27.14
FE FE E . 2.22 -10.54 -5.10
NI WCC F . 1.08 -7.78 -4.08
FE1 WCC F . 4.05 -7.76 -5.99
FE3 WCC F . 3.00 -5.90 -4.31
FE4 WCC F . 4.52 -7.85 -3.21
S1 WCC F . 2.48 -7.14 -2.35
S2 WCC F . 5.27 -6.25 -4.71
S3 WCC F . 4.28 -9.66 -4.63
S4 WCC F . 1.87 -7.04 -6.03
C CMO G . -0.84 -7.23 -4.31
O CMO G . -1.19 -7.88 -5.27
FE1 SF4 H . 18.15 4.51 -3.94
FE2 SF4 H . 17.61 2.34 -5.51
FE3 SF4 H . 18.84 2.01 -3.06
FE4 SF4 H . 20.19 3.21 -5.11
S1 SF4 H . 19.46 1.00 -5.03
S2 SF4 H . 20.20 3.90 -2.89
S3 SF4 H . 18.54 4.37 -6.23
S4 SF4 H . 16.69 2.79 -3.41
FE1 SF4 I . 29.43 9.84 -5.56
FE2 SF4 I . 28.25 11.18 -7.68
FE3 SF4 I . 26.77 9.51 -6.10
FE4 SF4 I . 28.66 8.40 -7.73
S1 SF4 I . 26.73 9.53 -8.41
S2 SF4 I . 28.26 7.79 -5.50
S3 SF4 I . 30.29 10.05 -7.74
S4 SF4 I . 27.81 11.49 -5.43
C ACY J . 22.50 -4.95 -14.93
O ACY J . 21.85 -4.67 -13.95
OXT ACY J . 23.63 -5.63 -14.80
CH3 ACY J . 22.05 -4.51 -16.29
C ACY K . 37.05 -9.16 3.48
O ACY K . 36.63 -8.06 3.22
OXT ACY K . 36.55 -9.83 4.53
CH3 ACY K . 38.12 -9.78 2.64
C ACY L . 2.69 -8.82 24.01
O ACY L . 3.69 -9.46 23.74
OXT ACY L . 2.76 -7.47 24.09
CH3 ACY L . 1.38 -9.51 24.26
C ACY M . -6.67 12.14 12.82
O ACY M . -7.57 12.97 12.79
OXT ACY M . -6.05 11.87 13.98
CH3 ACY M . -6.25 11.44 11.58
C ACY N . 16.78 13.98 1.32
O ACY N . 15.58 13.77 1.17
OXT ACY N . 17.54 13.07 1.96
CH3 ACY N . 17.41 15.22 0.81
C ACY O . 19.56 -21.25 -29.82
O ACY O . 18.37 -21.36 -29.62
OXT ACY O . 20.42 -21.66 -28.87
CH3 ACY O . 20.08 -20.68 -31.10
C ACY P . -9.13 17.95 -8.19
O ACY P . -9.44 16.81 -8.52
OXT ACY P . -9.91 18.98 -8.52
CH3 ACY P . -7.87 18.19 -7.42
C ACY Q . -8.38 10.28 26.18
O ACY Q . -8.41 9.26 26.84
OXT ACY Q . -9.22 11.28 26.44
CH3 ACY Q . -7.38 10.41 25.08
C ACY R . -0.73 -0.24 -17.30
O ACY R . -1.35 -0.99 -18.02
OXT ACY R . -0.72 -0.45 -16.00
CH3 ACY R . 0.04 0.92 -17.87
C ACY S . -29.58 -5.12 11.13
O ACY S . -30.33 -5.91 10.62
OXT ACY S . -28.92 -5.44 12.25
CH3 ACY S . -29.39 -3.76 10.50
C1 GOL T . -27.48 -0.99 6.79
O1 GOL T . -27.81 -0.10 7.87
C2 GOL T . -28.56 -0.96 5.67
O2 GOL T . -28.58 -2.19 4.97
C3 GOL T . -29.96 -0.71 6.24
O3 GOL T . -30.29 -1.73 7.21
C1 GOL U . 7.10 -26.09 2.53
O1 GOL U . 8.14 -25.55 3.45
C2 GOL U . 6.77 -27.50 2.88
O2 GOL U . 6.58 -27.78 4.29
C3 GOL U . 5.52 -27.92 2.04
O3 GOL U . 5.01 -29.08 2.65
C ACY V . -10.54 21.04 8.26
O ACY V . -11.24 21.72 7.55
OXT ACY V . -9.90 21.60 9.31
CH3 ACY V . -10.36 19.57 7.99
C1 GOL W . 19.31 18.06 -3.39
O1 GOL W . 19.95 18.11 -4.67
C2 GOL W . 17.86 17.52 -3.52
O2 GOL W . 17.47 17.37 -4.90
C3 GOL W . 17.73 16.19 -2.80
O3 GOL W . 16.42 15.65 -2.98
C1 PEG X . 0.95 25.64 -7.65
O1 PEG X . 1.65 24.58 -6.95
C2 PEG X . 1.73 25.94 -8.94
O2 PEG X . 1.54 27.25 -9.49
C3 PEG X . 1.55 27.12 -10.92
C4 PEG X . 2.70 27.87 -11.65
O4 PEG X . 3.27 27.04 -12.70
#